data_4PLN
#
_entry.id   4PLN
#
_cell.length_a   79.070
_cell.length_b   130.211
_cell.length_c   126.037
_cell.angle_alpha   90.00
_cell.angle_beta   99.98
_cell.angle_gamma   90.00
#
_symmetry.space_group_name_H-M   'P 1 21 1'
#
loop_
_entity.id
_entity.type
_entity.pdbx_description
1 polymer Netrin-1
2 polymer Neogenin
3 non-polymer 2-acetamido-2-deoxy-beta-D-glucopyranose
4 non-polymer 'CALCIUM ION'
#
loop_
_entity_poly.entity_id
_entity_poly.type
_entity_poly.pdbx_seq_one_letter_code
_entity_poly.pdbx_strand_id
1 'polypeptide(L)'
;GYPGLNMFAVQTAQPDPCYDEHGLPRRCIPDFVNSAFGKEVKVSSTCGKPPSRYCVVTEKGEEQVRSCHLCNASDPKRAH
PPSFLTDLNNPHNLTCWQSDSYVQYPHNVTLTLSLGKKFEVTYVSLQFCSPRPESMAIYKSMDYGKTWVPFQFYSTQCRK
MYNKPSRAAITKQNEQEAICTDSHTDVRPLSGGLIAFSTLDGRPTAHDFDNSPVLQDWVTATDIKVTFSRLHTFGDENED
DSELARDSYFYAVSDLQVGGRCKCNGHASRCVRDRDDNLVCDCKHNTAGPECDRCKPFHYDRPWQRATAREANECVACNC
NLHARRCRFNMELYKLSGRKSGGVCLNCRHNTAGRHCHYCKEGFYRDLSKPISHRKACKECDCHPVGAAGQTCNQTTGQC
PCKDGVTGITCNRCAKGYQQSRSPIAPCIKIP
;
A,B
2 'polypeptide(L)'
;GSDETRVPEVPSSLHVRPLVTSIVVSWTPPENQNIVVRGYAIGYGIGSPHAQTIKVDYKQRYYTIENLDPSSHYVITLKA
FNNVGEGIPLYESAVTRPHTVPDPTPMMPPVGVQASILSHDTIRITWADNSLPKHQKITDSRYYTVRWKTNIPANTKYKN
AQATTLSYLVTGLKPNTLYEFSVMVTKGRRSSTWSMTAHGATASG
;
C,D
#
# COMPACT_ATOMS: atom_id res chain seq x y z
N PRO A 15 14.86 -1.42 2.20
CA PRO A 15 15.48 -0.19 2.68
C PRO A 15 14.45 0.84 3.18
N ASP A 16 13.45 0.41 3.95
CA ASP A 16 12.52 1.35 4.58
C ASP A 16 12.84 1.58 6.06
N PRO A 17 13.37 2.77 6.35
CA PRO A 17 13.77 3.17 7.70
C PRO A 17 12.59 3.25 8.65
N CYS A 18 11.38 3.26 8.11
CA CYS A 18 10.20 3.37 8.97
C CYS A 18 9.87 2.03 9.60
N TYR A 19 10.58 0.99 9.18
CA TYR A 19 10.33 -0.34 9.70
C TYR A 19 11.62 -1.05 10.13
N ASP A 20 11.47 -2.04 11.00
CA ASP A 20 12.60 -2.69 11.68
C ASP A 20 13.47 -3.54 10.78
N GLU A 21 14.47 -4.17 11.40
CA GLU A 21 15.31 -5.17 10.72
C GLU A 21 14.39 -6.27 10.22
N HIS A 22 13.35 -6.52 11.01
CA HIS A 22 12.10 -7.04 10.50
C HIS A 22 11.18 -7.18 11.69
N GLY A 23 9.88 -7.13 11.43
CA GLY A 23 9.36 -6.41 10.27
C GLY A 23 8.60 -5.18 10.76
N LEU A 24 8.70 -4.95 12.07
CA LEU A 24 7.87 -4.00 12.82
C LEU A 24 8.23 -2.55 12.56
N PRO A 25 7.31 -1.61 12.88
CA PRO A 25 7.65 -0.22 12.56
C PRO A 25 8.41 0.53 13.64
N ARG A 26 8.87 1.73 13.29
CA ARG A 26 9.62 2.58 14.18
C ARG A 26 9.57 4.01 13.68
N ARG A 27 9.81 4.95 14.59
CA ARG A 27 9.79 6.37 14.26
C ARG A 27 10.83 6.66 13.18
N CYS A 28 10.40 7.33 12.12
CA CYS A 28 11.30 7.73 11.06
C CYS A 28 11.12 9.21 10.72
N ILE A 29 12.22 9.89 10.44
CA ILE A 29 12.18 11.33 10.19
C ILE A 29 12.93 11.66 8.90
N PRO A 30 12.42 12.64 8.12
CA PRO A 30 13.03 13.09 6.85
C PRO A 30 14.41 13.67 7.05
N ASP A 31 15.21 13.72 5.99
CA ASP A 31 16.56 14.27 6.09
C ASP A 31 16.57 15.72 6.57
N PHE A 32 17.60 16.07 7.33
CA PHE A 32 17.82 17.46 7.73
C PHE A 32 18.20 18.24 6.49
N VAL A 33 17.47 19.32 6.23
CA VAL A 33 17.72 20.10 5.02
C VAL A 33 17.70 21.61 5.22
N ASN A 34 18.20 22.32 4.23
CA ASN A 34 17.98 23.76 4.13
C ASN A 34 16.79 24.00 3.24
N SER A 35 15.68 24.40 3.84
CA SER A 35 14.42 24.48 3.10
C SER A 35 14.34 25.75 2.29
N ALA A 36 15.30 26.64 2.49
CA ALA A 36 15.26 27.91 1.79
C ALA A 36 16.06 27.88 0.50
N PHE A 37 16.60 26.73 0.13
CA PHE A 37 17.63 26.71 -0.91
C PHE A 37 17.10 26.98 -2.31
N GLY A 38 16.32 26.06 -2.87
CA GLY A 38 15.80 26.30 -4.20
C GLY A 38 14.89 27.53 -4.25
N LYS A 39 14.29 27.86 -3.11
CA LYS A 39 13.17 28.79 -3.05
C LYS A 39 13.48 30.23 -3.48
N GLU A 40 12.43 30.94 -3.85
CA GLU A 40 12.52 32.35 -4.21
C GLU A 40 11.99 33.20 -3.07
N VAL A 41 12.76 34.23 -2.72
CA VAL A 41 12.41 35.10 -1.61
C VAL A 41 11.90 36.46 -2.09
N LYS A 42 10.76 36.88 -1.56
CA LYS A 42 10.17 38.16 -1.91
C LYS A 42 10.80 39.25 -1.07
N VAL A 43 11.26 40.34 -1.69
CA VAL A 43 11.88 41.39 -0.89
C VAL A 43 11.18 42.74 -1.04
N SER A 44 11.22 43.53 0.02
CA SER A 44 10.59 44.83 0.00
C SER A 44 11.47 45.84 -0.74
N SER A 45 12.78 45.65 -0.69
CA SER A 45 13.71 46.59 -1.31
C SER A 45 14.84 45.93 -2.12
N THR A 46 15.16 46.52 -3.27
CA THR A 46 16.33 46.11 -4.05
C THR A 46 16.87 47.29 -4.85
N CYS A 47 18.20 47.35 -4.97
CA CYS A 47 18.89 48.57 -5.41
C CYS A 47 18.73 48.99 -6.88
N GLY A 48 18.99 48.10 -7.83
CA GLY A 48 19.39 48.52 -9.16
C GLY A 48 18.44 49.31 -10.07
N LYS A 49 17.20 49.52 -9.63
CA LYS A 49 16.23 50.22 -10.46
C LYS A 49 15.74 51.50 -9.78
N PRO A 50 16.20 52.67 -10.27
CA PRO A 50 17.16 52.97 -11.34
C PRO A 50 18.57 52.69 -10.84
N PRO A 51 19.60 52.84 -11.65
CA PRO A 51 20.94 52.62 -11.17
C PRO A 51 21.20 53.52 -10.01
N SER A 52 21.77 52.99 -8.95
CA SER A 52 21.94 53.78 -7.74
C SER A 52 23.35 53.65 -7.22
N ARG A 53 23.76 54.57 -6.35
CA ARG A 53 25.09 54.49 -5.78
C ARG A 53 25.03 53.86 -4.40
N TYR A 54 26.03 53.05 -4.07
CA TYR A 54 26.17 52.55 -2.70
C TYR A 54 27.63 52.60 -2.30
N CYS A 55 27.92 52.84 -1.02
CA CYS A 55 29.30 52.88 -0.53
C CYS A 55 29.59 51.87 0.56
N VAL A 56 30.75 51.23 0.48
CA VAL A 56 31.22 50.33 1.54
C VAL A 56 32.39 50.94 2.32
N VAL A 57 32.34 50.79 3.64
CA VAL A 57 33.42 51.29 4.50
C VAL A 57 34.26 50.14 5.03
N THR A 58 35.58 50.26 4.87
CA THR A 58 36.50 49.22 5.31
C THR A 58 37.49 49.78 6.33
N GLU A 59 38.13 48.88 7.08
CA GLU A 59 39.09 49.28 8.10
C GLU A 59 40.51 48.77 7.82
N LYS A 60 41.48 49.66 7.93
CA LYS A 60 42.89 49.28 7.93
C LYS A 60 43.58 49.96 9.11
N GLY A 61 44.03 49.18 10.09
CA GLY A 61 44.47 49.74 11.36
C GLY A 61 43.30 50.53 11.88
N GLU A 62 43.49 51.74 12.39
CA GLU A 62 42.32 52.57 12.56
C GLU A 62 42.33 53.59 11.44
N GLU A 63 41.75 53.18 10.33
CA GLU A 63 41.57 54.05 9.18
C GLU A 63 40.34 53.53 8.47
N GLN A 64 39.47 54.44 8.10
CA GLN A 64 38.33 54.05 7.32
C GLN A 64 38.66 54.36 5.89
N VAL A 65 38.27 53.46 5.00
CA VAL A 65 38.39 53.71 3.58
C VAL A 65 37.02 53.46 2.98
N ARG A 66 36.45 54.51 2.42
CA ARG A 66 35.09 54.45 1.88
C ARG A 66 35.15 54.39 0.37
N SER A 67 34.69 53.29 -0.19
CA SER A 67 34.68 53.14 -1.64
C SER A 67 33.24 53.08 -2.16
N CYS A 68 32.98 53.69 -3.30
CA CYS A 68 31.63 53.72 -3.83
C CYS A 68 31.48 53.01 -5.17
N HIS A 69 30.34 52.37 -5.33
CA HIS A 69 30.01 51.59 -6.50
C HIS A 69 28.61 51.89 -7.00
N LEU A 70 28.25 51.26 -8.10
CA LEU A 70 26.94 51.43 -8.70
C LEU A 70 26.23 50.13 -8.73
N CYS A 71 24.96 50.15 -8.42
CA CYS A 71 24.08 49.01 -8.45
C CYS A 71 23.18 49.18 -9.67
N ASN A 72 23.27 48.28 -10.65
CA ASN A 72 22.59 48.41 -11.93
C ASN A 72 21.72 47.22 -12.14
N ALA A 73 20.49 47.32 -11.73
CA ALA A 73 19.61 46.19 -11.70
C ALA A 73 19.57 45.39 -12.95
N SER A 74 20.28 45.80 -13.97
CA SER A 74 20.13 45.16 -15.25
C SER A 74 21.44 44.84 -15.90
N ASP A 75 22.51 45.01 -15.17
CA ASP A 75 23.82 44.65 -15.65
C ASP A 75 24.21 43.50 -14.81
N PRO A 76 24.26 42.27 -15.45
CA PRO A 76 24.26 41.15 -14.52
C PRO A 76 25.51 41.11 -13.71
N LYS A 77 26.32 42.16 -13.75
CA LYS A 77 27.54 42.15 -12.98
C LYS A 77 27.45 43.04 -11.79
N ARG A 78 26.61 44.06 -11.86
CA ARG A 78 26.45 44.94 -10.72
C ARG A 78 25.04 44.88 -10.25
N ALA A 79 24.43 43.74 -10.42
CA ALA A 79 23.07 43.57 -10.02
C ALA A 79 23.08 42.77 -8.78
N HIS A 80 22.08 42.95 -7.95
CA HIS A 80 21.96 42.17 -6.73
C HIS A 80 20.54 41.67 -6.51
N PRO A 81 20.08 40.75 -7.35
CA PRO A 81 18.69 40.28 -7.24
C PRO A 81 18.54 39.33 -6.08
N PRO A 82 17.31 39.16 -5.58
CA PRO A 82 17.17 38.25 -4.45
C PRO A 82 17.17 36.77 -4.82
N SER A 83 17.95 36.38 -5.81
CA SER A 83 18.14 34.97 -6.03
C SER A 83 19.42 34.66 -5.31
N PHE A 84 20.09 35.74 -4.98
CA PHE A 84 21.38 35.74 -4.35
C PHE A 84 21.29 35.56 -2.85
N LEU A 85 20.10 35.39 -2.35
CA LEU A 85 19.82 34.97 -0.98
C LEU A 85 19.85 33.45 -0.87
N THR A 86 19.16 32.80 -1.80
CA THR A 86 18.98 31.37 -1.77
C THR A 86 19.92 30.57 -2.68
N ASP A 87 20.74 31.26 -3.47
CA ASP A 87 21.56 30.57 -4.44
C ASP A 87 22.70 29.84 -3.75
N LEU A 88 23.53 29.16 -4.53
CA LEU A 88 24.69 28.46 -4.00
C LEU A 88 25.62 29.40 -3.24
N ASN A 89 26.00 29.00 -2.03
CA ASN A 89 26.90 29.81 -1.24
C ASN A 89 28.34 29.39 -1.45
N ASN A 90 29.07 30.23 -2.18
CA ASN A 90 30.47 29.98 -2.46
C ASN A 90 31.33 31.09 -1.89
N PRO A 91 32.18 30.76 -0.90
CA PRO A 91 32.99 31.77 -0.22
C PRO A 91 33.85 32.57 -1.19
N HIS A 92 34.16 31.99 -2.34
CA HIS A 92 34.97 32.70 -3.32
C HIS A 92 34.13 33.75 -4.05
N ASN A 93 33.20 33.35 -4.89
CA ASN A 93 32.42 34.33 -5.60
C ASN A 93 31.09 34.46 -4.88
N LEU A 94 30.86 35.55 -4.19
CA LEU A 94 29.79 35.67 -3.21
C LEU A 94 28.70 36.44 -3.84
N THR A 95 27.48 35.97 -3.70
CA THR A 95 26.38 36.66 -4.28
C THR A 95 25.49 37.20 -3.19
N CYS A 96 25.24 38.51 -3.20
CA CYS A 96 24.47 39.23 -2.19
C CYS A 96 23.30 40.00 -2.75
N TRP A 97 22.13 39.78 -2.15
CA TRP A 97 21.00 40.69 -2.37
C TRP A 97 21.29 41.98 -1.60
N GLN A 98 20.82 43.10 -2.12
CA GLN A 98 21.11 44.38 -1.49
C GLN A 98 19.91 45.32 -1.60
N SER A 99 19.60 45.97 -0.49
CA SER A 99 18.45 46.88 -0.41
C SER A 99 18.74 48.23 -1.03
N ASP A 100 17.75 49.13 -0.95
CA ASP A 100 17.88 50.51 -1.41
C ASP A 100 18.90 51.17 -0.53
N SER A 101 19.47 52.28 -0.97
CA SER A 101 20.61 52.83 -0.24
C SER A 101 20.20 53.28 1.13
N TYR A 102 19.28 54.22 1.29
CA TYR A 102 18.97 54.59 2.67
C TYR A 102 17.56 54.21 3.10
N VAL A 103 17.45 53.07 3.77
CA VAL A 103 16.22 52.73 4.46
C VAL A 103 16.45 52.67 5.97
N GLN A 104 16.00 53.69 6.69
CA GLN A 104 16.35 53.79 8.08
C GLN A 104 15.10 53.95 8.94
N TYR A 105 15.24 53.65 10.21
CA TYR A 105 14.17 53.78 11.17
C TYR A 105 13.54 55.17 11.01
N PRO A 106 12.19 55.23 11.06
CA PRO A 106 11.42 54.01 11.27
C PRO A 106 11.05 53.20 10.02
N HIS A 107 11.88 53.20 9.00
CA HIS A 107 11.65 52.31 7.86
C HIS A 107 12.24 50.95 8.16
N ASN A 108 11.72 49.92 7.50
CA ASN A 108 12.26 48.59 7.67
C ASN A 108 12.18 47.80 6.39
N VAL A 109 13.07 46.83 6.23
CA VAL A 109 13.10 46.07 5.00
C VAL A 109 12.69 44.61 5.25
N THR A 110 11.79 44.06 4.43
CA THR A 110 11.28 42.74 4.70
C THR A 110 11.61 41.68 3.65
N LEU A 111 12.27 40.62 4.11
CA LEU A 111 12.49 39.42 3.33
C LEU A 111 11.44 38.41 3.75
N THR A 112 10.74 37.82 2.79
CA THR A 112 9.70 36.88 3.16
C THR A 112 9.75 35.62 2.27
N LEU A 113 9.79 34.47 2.94
CA LEU A 113 10.06 33.17 2.32
C LEU A 113 9.01 32.12 2.64
N SER A 114 8.50 31.44 1.61
CA SER A 114 7.49 30.42 1.81
C SER A 114 8.03 29.02 1.54
N LEU A 115 7.93 28.15 2.55
CA LEU A 115 8.51 26.82 2.47
C LEU A 115 7.68 25.86 1.63
N GLY A 116 6.36 25.94 1.78
CA GLY A 116 5.48 25.10 1.01
C GLY A 116 4.94 23.90 1.79
N LYS A 117 5.66 23.53 2.84
CA LYS A 117 5.20 22.46 3.71
C LYS A 117 5.47 22.82 5.15
N LYS A 118 4.78 22.18 6.07
CA LYS A 118 5.07 22.41 7.47
C LYS A 118 6.44 21.82 7.77
N PHE A 119 7.30 22.64 8.35
CA PHE A 119 8.66 22.27 8.70
C PHE A 119 8.83 22.35 10.19
N GLU A 120 9.58 21.43 10.76
CA GLU A 120 10.07 21.60 12.12
C GLU A 120 11.45 22.25 11.98
N VAL A 121 11.54 23.52 12.38
CA VAL A 121 12.69 24.34 12.06
C VAL A 121 13.72 24.35 13.17
N THR A 122 14.91 23.85 12.87
CA THR A 122 15.97 23.83 13.87
C THR A 122 16.61 25.22 13.98
N TYR A 123 16.77 25.89 12.84
CA TYR A 123 17.35 27.25 12.90
C TYR A 123 17.00 28.15 11.72
N VAL A 124 17.20 29.44 11.93
CA VAL A 124 17.15 30.41 10.84
C VAL A 124 18.43 31.23 10.88
N SER A 125 19.14 31.30 9.75
CA SER A 125 20.44 31.94 9.74
C SER A 125 20.64 32.86 8.53
N LEU A 126 21.12 34.07 8.79
CA LEU A 126 21.47 35.00 7.73
C LEU A 126 22.94 35.36 7.79
N GLN A 127 23.58 35.33 6.63
CA GLN A 127 24.97 35.71 6.50
C GLN A 127 25.03 36.97 5.67
N PHE A 128 25.45 38.06 6.32
CA PHE A 128 25.41 39.42 5.77
C PHE A 128 26.65 39.83 4.99
N CYS A 129 26.42 40.65 3.96
CA CYS A 129 27.50 41.32 3.26
C CYS A 129 27.65 42.77 3.71
N SER A 130 26.82 43.15 4.64
CA SER A 130 26.90 44.48 5.23
C SER A 130 27.06 44.31 6.74
N PRO A 131 27.21 45.41 7.47
CA PRO A 131 27.10 45.21 8.91
C PRO A 131 25.73 44.66 9.28
N ARG A 132 25.64 43.84 10.31
CA ARG A 132 24.35 43.32 10.75
C ARG A 132 23.45 44.44 11.27
N PRO A 133 22.14 44.19 11.32
CA PRO A 133 21.23 45.23 11.81
C PRO A 133 21.40 45.47 13.29
N GLU A 134 21.04 46.67 13.73
CA GLU A 134 20.98 46.98 15.14
C GLU A 134 19.70 46.35 15.71
N SER A 135 18.65 46.33 14.89
CA SER A 135 17.39 45.71 15.25
C SER A 135 16.79 44.95 14.08
N MET A 136 16.35 43.74 14.37
CA MET A 136 15.85 42.80 13.39
C MET A 136 14.81 41.89 14.04
N ALA A 137 13.76 41.56 13.29
CA ALA A 137 12.66 40.73 13.80
C ALA A 137 12.45 39.55 12.89
N ILE A 138 12.07 38.42 13.49
CA ILE A 138 11.76 37.21 12.73
C ILE A 138 10.37 36.71 13.10
N TYR A 139 9.51 36.60 12.09
CA TYR A 139 8.16 36.11 12.27
C TYR A 139 8.00 34.80 11.51
N LYS A 140 7.06 33.96 11.93
CA LYS A 140 6.75 32.73 11.20
C LYS A 140 5.27 32.66 10.86
N SER A 141 4.91 31.64 10.09
CA SER A 141 3.52 31.31 9.80
C SER A 141 3.31 29.80 9.81
N MET A 142 2.41 29.33 10.66
CA MET A 142 2.12 27.90 10.79
C MET A 142 0.95 27.48 9.89
N ASP A 143 0.35 28.46 9.27
CA ASP A 143 -0.53 28.26 8.13
C ASP A 143 0.15 28.98 6.98
N TYR A 144 -0.45 28.97 5.81
CA TYR A 144 0.33 29.15 4.61
C TYR A 144 0.59 30.59 4.17
N GLY A 145 0.52 31.50 5.13
CA GLY A 145 0.72 32.92 4.88
C GLY A 145 -0.48 33.75 5.21
N LYS A 146 -1.47 33.11 5.82
CA LYS A 146 -2.68 33.80 6.19
C LYS A 146 -2.44 34.59 7.48
N THR A 147 -1.72 34.02 8.44
CA THR A 147 -1.41 34.78 9.66
C THR A 147 0.03 34.62 10.17
N TRP A 148 0.55 35.70 10.75
CA TRP A 148 1.93 35.75 11.22
C TRP A 148 2.03 35.95 12.72
N VAL A 149 2.98 35.24 13.33
CA VAL A 149 3.29 35.36 14.75
C VAL A 149 4.82 35.43 14.87
N PRO A 150 5.33 36.22 15.84
CA PRO A 150 6.78 36.42 16.08
C PRO A 150 7.56 35.18 16.46
N PHE A 151 8.78 35.07 15.93
CA PHE A 151 9.69 33.96 16.21
C PHE A 151 10.84 34.40 17.13
N GLN A 152 11.61 35.37 16.66
CA GLN A 152 12.75 35.87 17.42
C GLN A 152 12.93 37.39 17.27
N PHE A 153 13.52 38.05 18.26
CA PHE A 153 13.83 39.48 18.14
C PHE A 153 15.29 39.76 18.52
N TYR A 154 15.94 40.62 17.74
CA TYR A 154 17.32 41.03 18.00
C TYR A 154 17.39 42.54 18.05
N SER A 155 17.82 43.13 19.16
CA SER A 155 17.96 44.58 19.22
C SER A 155 18.91 45.05 20.32
N THR A 156 19.41 46.27 20.18
CA THR A 156 20.23 46.89 21.21
C THR A 156 19.37 47.32 22.38
N GLN A 157 18.30 48.06 22.07
CA GLN A 157 17.29 48.39 23.06
C GLN A 157 15.98 47.70 22.68
N CYS A 158 15.63 46.64 23.42
CA CYS A 158 14.51 45.80 23.06
C CYS A 158 13.18 46.41 23.45
N ARG A 159 13.13 47.00 24.64
CA ARG A 159 11.89 47.56 25.14
C ARG A 159 11.41 48.73 24.28
N LYS A 160 12.34 49.62 23.94
CA LYS A 160 11.98 50.84 23.21
C LYS A 160 11.72 50.57 21.74
N MET A 161 12.22 49.43 21.25
CA MET A 161 12.10 49.09 19.83
C MET A 161 10.95 48.11 19.52
N TYR A 162 11.05 46.90 20.06
CA TYR A 162 10.05 45.87 19.82
C TYR A 162 9.04 45.71 20.97
N ASN A 163 9.18 46.53 22.00
CA ASN A 163 8.32 46.46 23.18
C ASN A 163 8.41 45.11 23.89
N LYS A 164 9.53 44.42 23.72
CA LYS A 164 9.73 43.17 24.43
C LYS A 164 10.89 43.33 25.38
N PRO A 165 10.84 42.61 26.50
CA PRO A 165 11.97 42.72 27.42
C PRO A 165 13.23 42.21 26.76
N SER A 166 14.39 42.61 27.29
CA SER A 166 15.67 42.13 26.79
C SER A 166 15.86 40.72 27.35
N ARG A 167 17.06 40.17 27.23
CA ARG A 167 17.23 38.73 27.35
C ARG A 167 16.58 38.22 28.62
N ALA A 168 15.66 37.28 28.45
CA ALA A 168 14.74 36.92 29.51
C ALA A 168 14.74 35.41 29.75
N ALA A 169 14.45 35.03 30.97
CA ALA A 169 14.39 33.62 31.28
C ALA A 169 13.08 33.08 30.72
N ILE A 170 13.18 32.09 29.84
CA ILE A 170 11.99 31.43 29.35
C ILE A 170 11.74 30.31 30.34
N THR A 171 10.48 30.12 30.66
CA THR A 171 10.15 29.17 31.70
C THR A 171 9.25 28.09 31.15
N LYS A 172 9.08 27.02 31.93
CA LYS A 172 8.28 25.90 31.51
C LYS A 172 6.82 26.31 31.37
N GLN A 173 6.50 27.53 31.78
CA GLN A 173 5.16 28.05 31.56
C GLN A 173 5.09 28.51 30.13
N ASN A 174 5.80 29.57 29.79
CA ASN A 174 5.83 29.98 28.41
C ASN A 174 7.12 29.50 27.71
N GLU A 175 6.97 28.43 26.92
CA GLU A 175 8.09 27.94 26.12
C GLU A 175 8.04 28.57 24.74
N GLN A 176 6.85 29.05 24.42
CA GLN A 176 6.57 29.57 23.10
C GLN A 176 6.81 31.06 22.99
N GLU A 177 7.31 31.67 24.05
CA GLU A 177 7.55 33.11 24.00
C GLU A 177 8.76 33.44 23.14
N ALA A 178 8.57 34.32 22.16
CA ALA A 178 9.68 34.83 21.38
C ALA A 178 10.49 35.73 22.28
N ILE A 179 11.81 35.59 22.27
CA ILE A 179 12.63 36.40 23.16
C ILE A 179 13.30 37.51 22.38
N CYS A 180 13.99 38.39 23.10
CA CYS A 180 14.74 39.44 22.45
C CYS A 180 16.11 39.53 23.10
N THR A 181 17.15 39.32 22.32
CA THR A 181 18.51 39.38 22.83
C THR A 181 19.36 40.41 22.10
N ASP A 182 20.38 40.91 22.77
CA ASP A 182 21.28 41.88 22.17
C ASP A 182 22.40 41.14 21.47
N SER A 183 22.32 39.82 21.49
CA SER A 183 23.31 39.00 20.81
C SER A 183 23.18 39.18 19.31
N HIS A 184 24.32 39.07 18.63
CA HIS A 184 24.42 39.18 17.18
C HIS A 184 23.89 40.52 16.69
N THR A 185 23.78 41.49 17.58
CA THR A 185 23.38 42.83 17.17
C THR A 185 24.63 43.67 17.05
N ASP A 186 25.76 43.07 17.39
CA ASP A 186 27.01 43.80 17.39
C ASP A 186 27.54 43.89 15.94
N VAL A 187 27.75 45.10 15.44
CA VAL A 187 28.84 45.31 14.51
C VAL A 187 29.97 45.29 15.52
N ARG A 188 31.08 44.59 15.28
CA ARG A 188 31.53 44.04 14.02
C ARG A 188 31.29 42.51 14.00
N PRO A 189 31.53 41.84 12.86
CA PRO A 189 32.10 42.14 11.53
C PRO A 189 31.39 43.22 10.73
N LEU A 190 32.15 43.94 9.92
CA LEU A 190 31.57 44.90 8.99
C LEU A 190 31.02 44.17 7.77
N SER A 191 31.45 42.93 7.60
CA SER A 191 30.94 42.09 6.53
C SER A 191 31.14 40.63 6.92
N GLY A 192 30.36 39.75 6.30
CA GLY A 192 30.42 38.34 6.63
C GLY A 192 29.84 38.03 8.00
N GLY A 193 29.17 39.03 8.58
CA GLY A 193 28.50 38.84 9.85
C GLY A 193 27.45 37.75 9.76
N LEU A 194 27.19 37.12 10.89
CA LEU A 194 26.33 35.96 10.93
C LEU A 194 25.31 36.10 12.03
N ILE A 195 24.05 35.86 11.69
CA ILE A 195 23.02 35.75 12.73
C ILE A 195 22.39 34.36 12.64
N ALA A 196 22.45 33.61 13.75
CA ALA A 196 21.90 32.26 13.80
C ALA A 196 20.92 32.15 14.94
N PHE A 197 19.65 31.93 14.60
CA PHE A 197 18.57 31.77 15.55
C PHE A 197 18.22 30.32 15.73
N SER A 198 18.51 29.78 16.91
CA SER A 198 18.13 28.41 17.20
C SER A 198 16.76 28.40 17.86
N THR A 199 15.87 27.58 17.33
CA THR A 199 14.50 27.61 17.80
C THR A 199 14.39 26.95 19.16
N LEU A 200 15.26 26.00 19.45
CA LEU A 200 15.17 25.32 20.75
C LEU A 200 16.15 25.89 21.79
N ASP A 201 16.89 26.93 21.43
CA ASP A 201 17.89 27.52 22.34
C ASP A 201 17.22 28.18 23.53
N GLY A 202 17.71 27.84 24.73
CA GLY A 202 17.25 28.45 25.97
C GLY A 202 15.92 27.94 26.47
N ARG A 203 15.39 26.92 25.81
CA ARG A 203 14.10 26.39 26.20
C ARG A 203 14.22 25.11 27.03
N PRO A 204 13.68 25.14 28.25
CA PRO A 204 13.84 24.12 29.30
C PRO A 204 13.56 22.70 28.87
N THR A 205 12.52 22.51 28.09
CA THR A 205 12.05 21.16 27.80
C THR A 205 12.70 20.60 26.52
N ALA A 206 13.64 21.35 25.97
CA ALA A 206 14.25 20.99 24.69
C ALA A 206 14.75 19.55 24.65
N HIS A 207 15.39 19.10 25.73
CA HIS A 207 15.88 17.72 25.78
C HIS A 207 14.76 16.71 25.61
N ASP A 208 13.57 17.06 26.08
CA ASP A 208 12.40 16.20 26.00
C ASP A 208 11.56 16.49 24.77
N PHE A 209 12.09 17.26 23.81
CA PHE A 209 11.33 17.69 22.63
C PHE A 209 10.48 16.59 21.98
N ASP A 210 11.02 15.38 21.95
CA ASP A 210 10.33 14.24 21.36
C ASP A 210 8.95 14.06 22.01
N ASN A 211 8.91 14.17 23.34
CA ASN A 211 7.69 14.08 24.13
C ASN A 211 7.07 15.44 24.50
N SER A 212 7.60 16.56 24.00
CA SER A 212 7.02 17.87 24.34
C SER A 212 6.28 18.49 23.17
N PRO A 213 4.94 18.49 23.23
CA PRO A 213 4.08 18.93 22.12
C PRO A 213 4.14 20.44 21.87
N VAL A 214 4.26 21.21 22.94
CA VAL A 214 4.33 22.66 22.83
C VAL A 214 5.58 23.07 22.05
N LEU A 215 6.66 22.33 22.29
CA LEU A 215 7.91 22.59 21.62
C LEU A 215 7.88 22.13 20.17
N GLN A 216 7.18 21.03 19.90
CA GLN A 216 6.98 20.52 18.54
C GLN A 216 6.17 21.52 17.73
N ASP A 217 5.31 22.25 18.42
CA ASP A 217 4.52 23.28 17.79
C ASP A 217 5.36 24.50 17.50
N TRP A 218 6.14 24.89 18.49
CA TRP A 218 6.98 26.09 18.39
C TRP A 218 7.90 26.07 17.17
N VAL A 219 8.41 24.89 16.82
CA VAL A 219 9.36 24.75 15.72
C VAL A 219 8.67 24.57 14.37
N THR A 220 7.35 24.53 14.37
CA THR A 220 6.60 24.26 13.15
C THR A 220 6.27 25.56 12.42
N ALA A 221 6.71 25.67 11.17
CA ALA A 221 6.37 26.84 10.37
C ALA A 221 6.28 26.52 8.89
N THR A 222 5.28 27.07 8.22
CA THR A 222 5.18 26.99 6.77
C THR A 222 5.81 28.19 6.09
N ASP A 223 6.04 29.26 6.86
CA ASP A 223 6.57 30.47 6.27
C ASP A 223 7.47 31.23 7.23
N ILE A 224 8.49 31.90 6.70
CA ILE A 224 9.44 32.67 7.51
C ILE A 224 9.54 34.06 6.94
N LYS A 225 9.44 35.08 7.79
CA LYS A 225 9.56 36.45 7.32
C LYS A 225 10.49 37.23 8.22
N VAL A 226 11.60 37.71 7.67
CA VAL A 226 12.56 38.51 8.42
C VAL A 226 12.39 39.98 8.06
N THR A 227 12.52 40.86 9.04
CA THR A 227 12.39 42.30 8.83
C THR A 227 13.51 43.06 9.55
N PHE A 228 14.31 43.80 8.79
CA PHE A 228 15.42 44.58 9.32
C PHE A 228 14.94 45.98 9.67
N SER A 229 14.88 46.28 10.97
CA SER A 229 14.30 47.52 11.48
C SER A 229 15.22 48.73 11.48
N ARG A 230 16.47 48.53 11.89
CA ARG A 230 17.35 49.67 12.08
C ARG A 230 18.81 49.42 11.71
N LEU A 231 19.44 50.44 11.11
CA LEU A 231 20.83 50.39 10.70
C LEU A 231 21.79 50.90 11.76
N HIS A 232 22.95 50.24 11.83
CA HIS A 232 24.08 50.78 12.55
C HIS A 232 24.63 51.95 11.76
N THR A 233 24.80 53.08 12.43
CA THR A 233 25.41 54.24 11.80
C THR A 233 26.91 54.17 12.04
N PHE A 234 27.64 53.94 10.96
CA PHE A 234 29.06 53.70 11.05
C PHE A 234 29.82 54.47 9.98
N GLY A 235 30.77 55.28 10.43
CA GLY A 235 31.62 56.04 9.55
C GLY A 235 31.49 57.54 9.75
N ASP A 236 32.43 58.26 9.17
CA ASP A 236 32.56 59.70 9.39
C ASP A 236 31.93 60.48 8.25
N GLU A 237 30.94 61.32 8.57
CA GLU A 237 30.36 62.15 7.54
C GLU A 237 31.38 63.20 7.12
N ASN A 238 31.75 63.21 5.84
CA ASN A 238 32.64 64.23 5.31
C ASN A 238 31.86 64.99 4.25
N GLU A 239 31.53 66.25 4.50
CA GLU A 239 30.57 66.86 3.59
C GLU A 239 31.16 67.89 2.62
N ASP A 240 31.37 67.42 1.39
CA ASP A 240 31.06 68.18 0.19
C ASP A 240 29.59 67.86 -0.08
N ASP A 241 29.27 66.58 0.13
CA ASP A 241 27.91 66.05 0.17
C ASP A 241 27.73 65.03 1.32
N SER A 242 26.63 65.16 2.07
CA SER A 242 26.32 64.20 3.13
C SER A 242 26.04 62.83 2.54
N GLU A 243 25.61 62.85 1.29
CA GLU A 243 25.17 61.67 0.56
C GLU A 243 26.12 60.48 0.61
N LEU A 244 27.42 60.75 0.64
CA LEU A 244 28.40 59.67 0.65
C LEU A 244 28.20 58.80 1.89
N ALA A 245 27.91 59.42 3.02
CA ALA A 245 27.68 58.66 4.23
C ALA A 245 26.27 58.11 4.26
N ARG A 246 25.39 58.73 3.50
CA ARG A 246 24.00 58.31 3.49
C ARG A 246 23.85 57.08 2.60
N ASP A 247 24.57 57.06 1.47
CA ASP A 247 24.49 55.95 0.52
C ASP A 247 25.18 54.69 1.02
N SER A 248 25.85 54.79 2.17
CA SER A 248 26.60 53.68 2.73
C SER A 248 25.85 52.88 3.79
N TYR A 249 24.64 53.30 4.15
CA TYR A 249 23.88 52.55 5.15
C TYR A 249 22.74 51.78 4.50
N PHE A 250 22.88 50.47 4.38
CA PHE A 250 21.88 49.63 3.72
C PHE A 250 21.93 48.19 4.21
N TYR A 251 21.04 47.34 3.71
CA TYR A 251 21.09 45.93 4.07
C TYR A 251 21.59 45.08 2.92
N ALA A 252 22.51 44.17 3.22
CA ALA A 252 22.95 43.22 2.23
C ALA A 252 23.22 41.89 2.88
N VAL A 253 22.72 40.81 2.28
CA VAL A 253 22.97 39.50 2.84
C VAL A 253 23.34 38.53 1.72
N SER A 254 24.42 37.77 1.96
CA SER A 254 24.90 36.80 1.00
C SER A 254 24.11 35.51 1.08
N ASP A 255 23.71 35.08 2.28
CA ASP A 255 23.01 33.79 2.34
C ASP A 255 21.89 33.68 3.35
N LEU A 256 20.77 33.10 2.92
CA LEU A 256 19.64 32.83 3.82
C LEU A 256 19.40 31.32 3.95
N GLN A 257 19.33 30.84 5.18
CA GLN A 257 19.13 29.41 5.45
C GLN A 257 18.06 29.19 6.53
N VAL A 258 17.04 28.40 6.26
CA VAL A 258 16.21 27.92 7.35
C VAL A 258 16.45 26.41 7.39
N GLY A 259 17.22 25.99 8.39
CA GLY A 259 17.55 24.59 8.54
C GLY A 259 16.52 23.86 9.38
N GLY A 260 16.24 22.61 9.01
CA GLY A 260 15.27 21.83 9.74
C GLY A 260 14.83 20.62 8.95
N ARG A 261 13.86 19.89 9.49
CA ARG A 261 13.36 18.69 8.82
C ARG A 261 11.91 18.87 8.42
N CYS A 262 11.54 18.29 7.29
CA CYS A 262 10.13 18.26 6.86
C CYS A 262 9.26 17.59 7.95
N LYS A 263 8.09 18.15 8.26
CA LYS A 263 7.39 17.64 9.43
C LYS A 263 6.42 16.53 9.06
N CYS A 264 6.84 15.30 9.36
CA CYS A 264 6.02 14.12 9.16
C CYS A 264 5.45 13.48 10.42
N ASN A 265 5.69 14.09 11.58
CA ASN A 265 5.26 13.51 12.85
C ASN A 265 5.87 12.13 13.10
N GLY A 266 7.02 11.87 12.48
CA GLY A 266 7.75 10.65 12.74
C GLY A 266 7.21 9.44 12.01
N HIS A 267 6.21 9.67 11.16
CA HIS A 267 5.62 8.58 10.40
C HIS A 267 6.14 8.47 8.97
N ALA A 268 7.10 9.29 8.59
CA ALA A 268 7.64 9.24 7.23
C ALA A 268 9.13 9.56 7.15
N SER A 269 9.83 8.88 6.24
CA SER A 269 11.28 9.07 6.07
C SER A 269 11.62 10.10 4.99
N ARG A 270 10.63 10.52 4.22
CA ARG A 270 10.91 11.47 3.14
C ARG A 270 9.68 12.26 2.72
N CYS A 271 9.92 13.40 2.08
CA CYS A 271 8.86 14.18 1.45
C CYS A 271 9.01 14.09 -0.06
N VAL A 272 7.89 14.07 -0.76
CA VAL A 272 7.86 13.90 -2.20
C VAL A 272 6.85 14.84 -2.81
N ARG A 273 6.97 15.04 -4.12
CA ARG A 273 6.10 15.94 -4.84
C ARG A 273 4.78 15.26 -5.20
N ASP A 274 3.70 15.96 -4.92
CA ASP A 274 2.36 15.46 -5.12
C ASP A 274 1.98 15.52 -6.60
N ARG A 275 0.78 15.07 -6.94
CA ARG A 275 0.27 15.10 -8.31
C ARG A 275 0.15 16.55 -8.79
N ASP A 276 -0.12 17.45 -7.85
CA ASP A 276 -0.23 18.88 -8.10
C ASP A 276 1.13 19.55 -7.93
N ASP A 277 2.15 18.72 -7.74
CA ASP A 277 3.52 19.15 -7.46
C ASP A 277 3.58 19.84 -6.10
N ASN A 278 2.58 19.58 -5.26
CA ASN A 278 2.67 19.95 -3.85
C ASN A 278 3.70 19.08 -3.14
N LEU A 279 4.25 19.59 -2.04
CA LEU A 279 5.20 18.80 -1.27
C LEU A 279 4.41 18.13 -0.16
N VAL A 280 4.55 16.82 -0.01
CA VAL A 280 3.85 16.09 1.04
C VAL A 280 4.72 14.98 1.61
N CYS A 281 4.40 14.53 2.81
CA CYS A 281 5.14 13.44 3.42
C CYS A 281 4.82 12.16 2.69
N ASP A 282 5.76 11.21 2.68
CA ASP A 282 5.45 9.91 2.10
C ASP A 282 5.03 9.00 3.23
N CYS A 283 3.73 8.98 3.43
CA CYS A 283 3.16 8.52 4.69
C CYS A 283 3.32 7.02 4.88
N LYS A 284 3.78 6.65 6.06
CA LYS A 284 3.90 5.24 6.43
C LYS A 284 3.19 5.04 7.75
N HIS A 285 3.34 3.85 8.32
CA HIS A 285 2.64 3.48 9.54
C HIS A 285 1.14 3.65 9.43
N ASN A 286 0.56 3.18 8.32
CA ASN A 286 -0.87 3.31 8.09
C ASN A 286 -1.46 4.70 8.38
N THR A 287 -0.78 5.77 7.95
CA THR A 287 -1.25 7.11 8.23
C THR A 287 -1.51 7.89 6.94
N ALA A 288 -2.29 8.96 7.07
CA ALA A 288 -2.59 9.82 5.94
C ALA A 288 -2.51 11.29 6.38
N GLY A 289 -2.74 12.18 5.43
CA GLY A 289 -2.58 13.60 5.71
C GLY A 289 -1.26 14.08 5.16
N PRO A 290 -1.11 15.39 4.94
CA PRO A 290 0.13 15.93 4.40
C PRO A 290 1.30 15.83 5.38
N GLU A 291 0.99 15.99 6.67
CA GLU A 291 1.96 15.82 7.73
C GLU A 291 1.88 14.43 8.36
N CYS A 292 1.09 13.55 7.77
CA CYS A 292 0.81 12.22 8.33
C CYS A 292 0.20 12.40 9.71
N ASP A 293 -0.75 13.32 9.81
CA ASP A 293 -1.33 13.71 11.09
C ASP A 293 -2.61 12.95 11.40
N ARG A 294 -3.00 12.05 10.51
CA ARG A 294 -4.25 11.30 10.71
C ARG A 294 -4.12 9.87 10.22
N CYS A 295 -5.09 9.05 10.60
CA CYS A 295 -5.08 7.64 10.25
C CYS A 295 -5.57 7.38 8.82
N LYS A 296 -4.96 6.37 8.19
CA LYS A 296 -5.34 5.93 6.84
C LYS A 296 -6.80 5.51 6.91
N PRO A 297 -7.54 5.67 5.79
CA PRO A 297 -9.00 5.52 5.80
C PRO A 297 -9.60 4.31 6.48
N PHE A 298 -9.02 3.12 6.37
CA PHE A 298 -9.67 2.02 7.07
C PHE A 298 -9.07 1.71 8.44
N HIS A 299 -7.99 2.38 8.84
CA HIS A 299 -7.40 2.00 10.12
C HIS A 299 -7.79 2.97 11.21
N TYR A 300 -8.96 2.73 11.78
CA TYR A 300 -9.50 3.55 12.83
C TYR A 300 -9.52 2.91 14.21
N ASP A 301 -8.94 1.72 14.33
CA ASP A 301 -9.09 0.92 15.54
C ASP A 301 -8.61 1.60 16.84
N ARG A 302 -7.89 2.71 16.73
CA ARG A 302 -7.35 3.40 17.90
C ARG A 302 -6.85 4.78 17.51
N PRO A 303 -6.91 5.74 18.45
CA PRO A 303 -6.59 7.14 18.15
C PRO A 303 -5.22 7.33 17.54
N TRP A 304 -5.11 8.29 16.63
CA TRP A 304 -3.86 8.61 15.97
C TRP A 304 -2.86 9.18 16.95
N GLN A 305 -1.59 8.85 16.76
CA GLN A 305 -0.53 9.40 17.61
C GLN A 305 0.79 9.53 16.87
N ARG A 306 1.54 10.55 17.25
CA ARG A 306 2.84 10.82 16.65
C ARG A 306 3.84 9.83 17.27
N ALA A 307 4.89 9.51 16.52
CA ALA A 307 5.89 8.54 16.95
C ALA A 307 6.84 9.10 18.04
N THR A 308 7.01 8.32 19.11
CA THR A 308 7.78 8.73 20.28
C THR A 308 9.21 8.20 20.34
N ALA A 309 9.66 7.53 19.28
CA ALA A 309 11.00 6.92 19.26
C ALA A 309 11.09 5.71 20.18
N ARG A 310 10.06 5.49 21.00
CA ARG A 310 9.91 4.21 21.66
C ARG A 310 8.86 3.43 20.91
N GLU A 311 7.64 3.95 20.92
CA GLU A 311 6.57 3.39 20.10
C GLU A 311 6.41 4.18 18.80
N ALA A 312 6.15 3.46 17.72
CA ALA A 312 5.94 4.08 16.42
C ALA A 312 4.53 4.60 16.32
N ASN A 313 3.66 4.05 17.14
CA ASN A 313 2.26 4.45 17.16
C ASN A 313 1.63 4.45 15.78
N GLU A 314 1.76 3.31 15.09
CA GLU A 314 1.13 3.16 13.79
C GLU A 314 -0.37 2.95 13.97
N CYS A 315 -1.14 3.39 12.99
CA CYS A 315 -2.57 3.11 13.01
C CYS A 315 -2.80 1.64 12.67
N VAL A 316 -3.78 1.02 13.32
CA VAL A 316 -4.08 -0.39 13.06
C VAL A 316 -5.47 -0.53 12.43
N ALA A 317 -5.58 -1.39 11.43
CA ALA A 317 -6.82 -1.55 10.66
C ALA A 317 -7.97 -2.08 11.50
N CYS A 318 -9.17 -1.63 11.16
CA CYS A 318 -10.40 -2.14 11.80
C CYS A 318 -10.54 -3.60 11.50
N ASN A 319 -11.15 -4.33 12.42
CA ASN A 319 -11.45 -5.71 12.12
C ASN A 319 -12.92 -5.87 11.76
N CYS A 320 -13.12 -6.06 10.47
CA CYS A 320 -14.39 -6.47 9.90
C CYS A 320 -14.04 -7.75 9.20
N ASN A 321 -15.02 -8.62 9.04
CA ASN A 321 -14.75 -9.99 8.66
C ASN A 321 -14.65 -10.14 7.15
N LEU A 322 -14.32 -9.03 6.49
CA LEU A 322 -14.30 -8.89 5.04
C LEU A 322 -15.71 -8.82 4.55
N HIS A 323 -16.59 -8.35 5.43
CA HIS A 323 -17.92 -7.92 5.04
C HIS A 323 -18.05 -6.39 4.95
N ALA A 324 -17.01 -5.66 5.33
CA ALA A 324 -16.98 -4.20 5.14
C ALA A 324 -15.56 -3.63 5.05
N ARG A 325 -15.38 -2.61 4.22
CA ARG A 325 -14.18 -1.76 4.25
C ARG A 325 -14.41 -0.36 4.81
N ARG A 326 -15.49 -0.15 5.56
CA ARG A 326 -15.66 1.10 6.29
C ARG A 326 -15.88 0.91 7.79
N CYS A 327 -15.26 1.79 8.55
CA CYS A 327 -15.34 1.74 10.00
C CYS A 327 -15.17 3.13 10.59
N ARG A 328 -15.55 3.27 11.84
CA ARG A 328 -15.31 4.51 12.58
C ARG A 328 -14.91 4.14 14.00
N PHE A 329 -14.16 5.03 14.65
CA PHE A 329 -13.63 4.75 15.99
C PHE A 329 -14.64 5.11 17.07
N ASN A 330 -14.68 4.32 18.13
CA ASN A 330 -15.54 4.63 19.26
C ASN A 330 -14.74 4.65 20.56
N MET A 331 -14.64 5.82 21.17
CA MET A 331 -13.76 6.00 22.33
C MET A 331 -14.21 5.16 23.50
N GLU A 332 -15.51 4.98 23.66
CA GLU A 332 -16.01 4.18 24.78
C GLU A 332 -15.59 2.72 24.63
N LEU A 333 -15.84 2.16 23.44
CA LEU A 333 -15.49 0.76 23.18
C LEU A 333 -14.00 0.53 23.32
N TYR A 334 -13.22 1.59 23.13
CA TYR A 334 -11.76 1.58 23.28
C TYR A 334 -11.39 1.52 24.73
N LYS A 335 -12.07 2.35 25.51
CA LYS A 335 -11.82 2.42 26.93
C LYS A 335 -12.10 1.07 27.57
N LEU A 336 -13.22 0.47 27.18
CA LEU A 336 -13.63 -0.83 27.71
C LEU A 336 -12.79 -1.99 27.24
N SER A 337 -12.10 -1.81 26.12
CA SER A 337 -11.26 -2.86 25.57
C SER A 337 -9.95 -2.96 26.34
N GLY A 338 -9.77 -2.07 27.30
CA GLY A 338 -8.52 -1.98 28.02
C GLY A 338 -7.55 -1.15 27.22
N ARG A 339 -8.11 -0.20 26.47
CA ARG A 339 -7.40 0.66 25.54
C ARG A 339 -6.71 -0.16 24.46
N LYS A 340 -7.46 -1.05 23.83
CA LYS A 340 -6.95 -1.89 22.75
C LYS A 340 -7.57 -1.58 21.41
N SER A 341 -8.86 -1.86 21.29
CA SER A 341 -9.57 -1.73 20.02
C SER A 341 -10.89 -0.98 20.18
N GLY A 342 -11.00 0.16 19.52
CA GLY A 342 -12.21 0.94 19.54
C GLY A 342 -12.96 1.00 18.23
N GLY A 343 -12.53 0.23 17.24
CA GLY A 343 -13.15 0.27 15.93
C GLY A 343 -14.52 -0.40 15.84
N VAL A 344 -15.47 0.26 15.19
CA VAL A 344 -16.75 -0.36 14.86
C VAL A 344 -17.00 -0.22 13.37
N CYS A 345 -17.80 -1.13 12.81
CA CYS A 345 -17.91 -1.23 11.37
C CYS A 345 -19.21 -0.62 10.87
N LEU A 346 -19.14 -0.12 9.65
CA LEU A 346 -20.22 0.55 8.96
C LEU A 346 -20.68 -0.29 7.77
N ASN A 347 -21.97 -0.24 7.46
CA ASN A 347 -22.58 -0.79 6.23
C ASN A 347 -22.16 -2.24 5.92
N CYS A 348 -22.31 -3.11 6.91
CA CYS A 348 -21.91 -4.52 6.76
C CYS A 348 -22.67 -5.20 5.64
N ARG A 349 -21.95 -5.75 4.69
CA ARG A 349 -22.57 -6.39 3.55
C ARG A 349 -22.68 -7.87 3.77
N HIS A 350 -23.06 -8.60 2.71
CA HIS A 350 -23.18 -10.04 2.78
C HIS A 350 -24.11 -10.46 3.89
N ASN A 351 -25.10 -9.61 4.17
CA ASN A 351 -26.19 -9.93 5.10
C ASN A 351 -25.74 -10.04 6.55
N THR A 352 -24.45 -9.84 6.78
CA THR A 352 -23.93 -9.86 8.13
C THR A 352 -24.26 -8.57 8.87
N ALA A 353 -24.13 -8.64 10.19
CA ALA A 353 -24.29 -7.47 11.04
C ALA A 353 -23.58 -7.69 12.37
N GLY A 354 -23.24 -6.60 13.03
CA GLY A 354 -22.59 -6.67 14.32
C GLY A 354 -21.60 -5.54 14.42
N ARG A 355 -20.82 -5.51 15.49
CA ARG A 355 -19.73 -4.55 15.54
C ARG A 355 -18.72 -4.87 14.46
N HIS A 356 -18.26 -6.11 14.43
CA HIS A 356 -17.28 -6.58 13.47
C HIS A 356 -17.88 -7.28 12.26
N CYS A 357 -19.22 -7.25 12.17
CA CYS A 357 -19.98 -8.02 11.18
C CYS A 357 -19.78 -9.50 11.45
N HIS A 358 -19.85 -9.87 12.72
CA HIS A 358 -19.56 -11.23 13.17
C HIS A 358 -20.79 -12.10 13.34
N TYR A 359 -21.97 -11.54 13.16
CA TYR A 359 -23.19 -12.35 13.17
C TYR A 359 -24.16 -11.95 12.08
N CYS A 360 -25.34 -12.55 12.09
CA CYS A 360 -26.26 -12.45 10.97
C CYS A 360 -27.43 -11.50 11.18
N LYS A 361 -27.86 -10.88 10.08
CA LYS A 361 -29.00 -9.97 10.10
C LYS A 361 -30.29 -10.74 10.42
N GLU A 362 -31.30 -10.01 10.90
CA GLU A 362 -32.60 -10.63 11.16
C GLU A 362 -33.10 -11.30 9.88
N GLY A 363 -33.50 -12.57 10.00
CA GLY A 363 -34.00 -13.29 8.85
C GLY A 363 -32.98 -14.21 8.23
N PHE A 364 -31.80 -14.23 8.83
CA PHE A 364 -30.70 -15.07 8.37
C PHE A 364 -30.18 -15.85 9.55
N TYR A 365 -29.30 -16.80 9.28
CA TYR A 365 -28.69 -17.60 10.34
C TYR A 365 -27.33 -18.08 9.84
N ARG A 366 -26.48 -18.50 10.79
CA ARG A 366 -25.09 -18.86 10.47
C ARG A 366 -24.97 -20.22 9.82
N ASP A 367 -24.34 -20.23 8.65
CA ASP A 367 -24.03 -21.45 7.93
C ASP A 367 -22.66 -21.88 8.38
N LEU A 368 -22.56 -22.98 9.11
CA LEU A 368 -21.31 -23.34 9.75
C LEU A 368 -20.49 -24.22 8.81
N SER A 369 -21.04 -24.46 7.63
CA SER A 369 -20.30 -25.06 6.53
C SER A 369 -19.29 -24.06 6.02
N LYS A 370 -19.59 -22.80 6.29
CA LYS A 370 -18.81 -21.69 5.80
C LYS A 370 -18.13 -21.01 6.99
N PRO A 371 -16.87 -20.62 6.85
CA PRO A 371 -16.20 -19.87 7.91
C PRO A 371 -16.91 -18.53 8.15
N ILE A 372 -16.74 -17.92 9.33
CA ILE A 372 -17.48 -16.69 9.66
C ILE A 372 -17.22 -15.57 8.63
N SER A 373 -16.05 -15.58 8.02
CA SER A 373 -15.81 -14.64 6.96
C SER A 373 -16.03 -15.35 5.64
N HIS A 374 -17.20 -15.18 5.07
CA HIS A 374 -17.52 -15.80 3.79
C HIS A 374 -18.66 -15.01 3.18
N ARG A 375 -18.71 -14.90 1.86
CA ARG A 375 -19.83 -14.17 1.27
C ARG A 375 -21.13 -14.88 1.65
N LYS A 376 -21.09 -16.21 1.67
CA LYS A 376 -22.25 -17.01 2.00
C LYS A 376 -22.34 -17.41 3.48
N ALA A 377 -21.45 -16.88 4.31
CA ALA A 377 -21.43 -17.21 5.75
C ALA A 377 -22.80 -17.03 6.40
N CYS A 378 -23.55 -16.04 5.94
CA CYS A 378 -24.92 -15.83 6.40
C CYS A 378 -25.94 -16.32 5.38
N LYS A 379 -26.72 -17.32 5.80
CA LYS A 379 -27.66 -18.00 4.92
C LYS A 379 -29.08 -17.67 5.35
N GLU A 380 -29.94 -17.36 4.38
CA GLU A 380 -31.30 -16.96 4.74
C GLU A 380 -32.14 -18.16 5.13
N CYS A 381 -32.89 -18.00 6.20
CA CYS A 381 -33.79 -19.04 6.68
C CYS A 381 -35.11 -18.92 5.97
N ASP A 382 -35.49 -19.98 5.27
CA ASP A 382 -36.72 -19.90 4.47
C ASP A 382 -37.85 -20.32 5.35
N CYS A 383 -38.66 -19.36 5.76
CA CYS A 383 -39.73 -19.71 6.66
C CYS A 383 -40.95 -19.89 5.80
N HIS A 384 -41.58 -21.05 5.93
CA HIS A 384 -42.67 -21.40 5.06
C HIS A 384 -43.76 -20.36 5.19
N PRO A 385 -44.31 -19.90 4.06
CA PRO A 385 -45.32 -18.85 4.09
C PRO A 385 -46.54 -19.24 4.91
N VAL A 386 -47.05 -20.45 4.70
CA VAL A 386 -48.25 -20.88 5.41
C VAL A 386 -47.91 -21.44 6.79
N GLY A 387 -46.78 -22.14 6.91
CA GLY A 387 -46.49 -22.88 8.11
C GLY A 387 -45.78 -22.16 9.24
N ALA A 388 -45.22 -20.99 8.98
CA ALA A 388 -44.43 -20.26 9.97
C ALA A 388 -45.08 -18.96 10.41
N ALA A 389 -44.78 -18.55 11.64
CA ALA A 389 -45.39 -17.36 12.22
C ALA A 389 -44.55 -16.09 12.00
N GLY A 390 -43.44 -16.22 11.29
CA GLY A 390 -42.60 -15.07 11.00
C GLY A 390 -41.37 -15.44 10.22
N GLN A 391 -40.74 -14.44 9.61
CA GLN A 391 -39.59 -14.69 8.74
C GLN A 391 -38.26 -14.61 9.47
N THR A 392 -38.29 -14.17 10.73
CA THR A 392 -37.06 -14.05 11.53
C THR A 392 -36.79 -15.30 12.38
N CYS A 393 -35.73 -16.01 12.05
CA CYS A 393 -35.41 -17.27 12.71
C CYS A 393 -34.27 -17.13 13.71
N ASN A 394 -33.93 -18.22 14.37
CA ASN A 394 -32.84 -18.24 15.33
C ASN A 394 -31.49 -18.31 14.62
N GLN A 395 -30.58 -17.41 15.00
CA GLN A 395 -29.27 -17.30 14.35
C GLN A 395 -28.42 -18.57 14.37
N THR A 396 -28.40 -19.25 15.51
CA THR A 396 -27.58 -20.46 15.65
C THR A 396 -28.15 -21.67 14.89
N THR A 397 -29.39 -22.05 15.22
CA THR A 397 -30.03 -23.24 14.65
C THR A 397 -30.67 -23.05 13.27
N GLY A 398 -31.23 -21.87 13.03
CA GLY A 398 -31.96 -21.61 11.79
C GLY A 398 -33.43 -22.02 11.90
N GLN A 399 -33.84 -22.32 13.13
CA GLN A 399 -35.22 -22.74 13.40
C GLN A 399 -36.19 -21.57 13.28
N CYS A 400 -37.19 -21.74 12.44
CA CYS A 400 -38.19 -20.71 12.22
C CYS A 400 -39.28 -20.77 13.29
N PRO A 401 -39.96 -19.64 13.53
CA PRO A 401 -41.03 -19.61 14.53
C PRO A 401 -42.27 -20.34 14.01
N CYS A 402 -42.30 -21.66 14.14
CA CYS A 402 -43.38 -22.46 13.58
C CYS A 402 -44.75 -22.12 14.18
N LYS A 403 -45.80 -22.35 13.40
CA LYS A 403 -47.15 -22.08 13.88
C LYS A 403 -47.68 -23.24 14.71
N ASP A 404 -48.93 -23.14 15.14
CA ASP A 404 -49.50 -24.12 16.04
C ASP A 404 -49.61 -25.48 15.35
N GLY A 405 -49.07 -26.52 15.98
CA GLY A 405 -49.14 -27.84 15.40
C GLY A 405 -48.16 -28.07 14.27
N VAL A 406 -47.26 -27.11 14.08
CA VAL A 406 -46.32 -27.17 12.96
C VAL A 406 -44.95 -27.51 13.48
N THR A 407 -44.17 -28.24 12.70
CA THR A 407 -42.80 -28.56 13.04
C THR A 407 -41.91 -28.48 11.80
N GLY A 408 -40.61 -28.67 12.00
CA GLY A 408 -39.65 -28.61 10.91
C GLY A 408 -38.72 -27.45 11.12
N ILE A 409 -37.65 -27.39 10.36
CA ILE A 409 -36.72 -26.28 10.52
C ILE A 409 -37.32 -25.05 9.86
N THR A 410 -37.93 -25.27 8.72
CA THR A 410 -38.55 -24.19 7.97
C THR A 410 -40.04 -24.07 8.27
N CYS A 411 -40.52 -24.93 9.16
CA CYS A 411 -41.96 -25.04 9.46
C CYS A 411 -42.73 -25.51 8.22
N ASN A 412 -42.16 -26.45 7.49
CA ASN A 412 -42.76 -26.93 6.26
C ASN A 412 -43.55 -28.22 6.40
N ARG A 413 -43.67 -28.76 7.61
CA ARG A 413 -44.45 -29.99 7.75
C ARG A 413 -45.28 -30.01 9.01
N CYS A 414 -46.22 -30.95 9.08
CA CYS A 414 -47.06 -31.09 10.25
C CYS A 414 -46.47 -31.96 11.32
N ALA A 415 -46.74 -31.58 12.57
CA ALA A 415 -46.24 -32.28 13.74
C ALA A 415 -46.92 -33.64 13.82
N LYS A 416 -46.36 -34.53 14.65
CA LYS A 416 -46.91 -35.86 14.82
C LYS A 416 -48.31 -35.73 15.41
N GLY A 417 -49.24 -36.55 14.93
CA GLY A 417 -50.62 -36.46 15.38
C GLY A 417 -51.41 -35.32 14.74
N TYR A 418 -50.83 -34.72 13.71
CA TYR A 418 -51.48 -33.64 12.97
C TYR A 418 -51.53 -33.88 11.46
N GLN A 419 -52.35 -33.08 10.79
CA GLN A 419 -52.52 -33.13 9.35
C GLN A 419 -52.96 -31.77 8.84
N GLN A 420 -52.77 -31.53 7.54
CA GLN A 420 -52.98 -30.21 6.98
C GLN A 420 -54.45 -29.83 6.84
N SER A 421 -54.78 -28.59 7.17
CA SER A 421 -56.12 -28.07 6.92
C SER A 421 -56.07 -27.20 5.68
N ARG A 422 -57.23 -26.66 5.30
CA ARG A 422 -57.33 -25.80 4.13
C ARG A 422 -57.24 -24.32 4.50
N SER A 423 -57.02 -24.06 5.79
CA SER A 423 -56.88 -22.69 6.27
C SER A 423 -55.43 -22.25 6.36
N PRO A 424 -55.14 -21.03 5.85
CA PRO A 424 -53.83 -20.40 5.98
C PRO A 424 -53.51 -19.97 7.42
N ILE A 425 -54.51 -19.53 8.18
CA ILE A 425 -54.29 -19.07 9.55
C ILE A 425 -53.94 -20.23 10.48
N ALA A 426 -54.66 -21.33 10.36
CA ALA A 426 -54.38 -22.53 11.13
C ALA A 426 -54.06 -23.69 10.19
N PRO A 427 -52.81 -23.73 9.68
CA PRO A 427 -52.40 -24.64 8.62
C PRO A 427 -52.52 -26.11 9.00
N CYS A 428 -52.31 -26.41 10.28
CA CYS A 428 -52.37 -27.80 10.75
C CYS A 428 -53.41 -27.98 11.83
N ILE A 429 -54.16 -29.07 11.76
CA ILE A 429 -55.11 -29.44 12.81
C ILE A 429 -54.85 -30.90 13.16
N LYS A 430 -55.59 -31.47 14.11
CA LYS A 430 -55.31 -32.82 14.54
C LYS A 430 -56.27 -33.84 13.95
N ILE A 431 -55.71 -34.98 13.54
CA ILE A 431 -56.47 -36.05 12.90
C ILE A 431 -57.65 -36.56 13.74
N PRO B 15 -11.86 5.85 -8.54
CA PRO B 15 -11.98 5.08 -9.77
C PRO B 15 -11.12 3.83 -9.77
N ASP B 16 -11.16 3.04 -8.71
CA ASP B 16 -10.44 1.76 -8.65
C ASP B 16 -11.41 0.67 -9.00
N PRO B 17 -11.26 0.07 -10.16
CA PRO B 17 -12.19 -0.96 -10.63
C PRO B 17 -12.07 -2.24 -9.83
N CYS B 18 -11.02 -2.36 -9.07
CA CYS B 18 -10.79 -3.60 -8.37
C CYS B 18 -11.56 -3.66 -7.10
N TYR B 19 -12.21 -2.57 -6.74
CA TYR B 19 -12.97 -2.50 -5.51
C TYR B 19 -14.38 -1.98 -5.71
N ASP B 20 -15.29 -2.38 -4.84
CA ASP B 20 -16.72 -2.19 -5.00
C ASP B 20 -17.12 -0.73 -4.98
N GLU B 21 -18.42 -0.51 -5.07
CA GLU B 21 -19.02 0.81 -4.92
C GLU B 21 -18.60 1.33 -3.54
N HIS B 22 -18.52 0.39 -2.60
CA HIS B 22 -17.64 0.45 -1.45
C HIS B 22 -17.92 -0.80 -0.65
N GLY B 23 -16.92 -1.23 0.13
CA GLY B 23 -15.54 -0.90 -0.19
C GLY B 23 -14.76 -2.15 -0.62
N LEU B 24 -15.49 -3.25 -0.76
CA LEU B 24 -14.91 -4.59 -0.94
C LEU B 24 -14.32 -4.81 -2.33
N PRO B 25 -13.46 -5.83 -2.49
CA PRO B 25 -12.84 -5.99 -3.82
C PRO B 25 -13.67 -6.81 -4.78
N ARG B 26 -13.21 -6.83 -6.03
CA ARG B 26 -13.89 -7.54 -7.11
C ARG B 26 -12.92 -7.80 -8.24
N ARG B 27 -13.26 -8.77 -9.11
CA ARG B 27 -12.41 -9.09 -10.25
C ARG B 27 -12.20 -7.88 -11.13
N CYS B 28 -10.94 -7.57 -11.43
CA CYS B 28 -10.64 -6.47 -12.32
C CYS B 28 -9.68 -6.90 -13.42
N ILE B 29 -9.91 -6.38 -14.63
CA ILE B 29 -9.18 -6.82 -15.81
C ILE B 29 -8.62 -5.63 -16.59
N PRO B 30 -7.37 -5.76 -17.09
CA PRO B 30 -6.74 -4.73 -17.91
C PRO B 30 -7.46 -4.51 -19.24
N ASP B 31 -7.28 -3.35 -19.86
CA ASP B 31 -7.95 -3.06 -21.11
C ASP B 31 -7.60 -4.05 -22.21
N PHE B 32 -8.56 -4.32 -23.08
CA PHE B 32 -8.32 -5.13 -24.27
C PHE B 32 -7.43 -4.32 -25.20
N VAL B 33 -6.32 -4.89 -25.62
CA VAL B 33 -5.38 -4.17 -26.46
C VAL B 33 -4.81 -5.00 -27.62
N ASN B 34 -4.17 -4.30 -28.55
CA ASN B 34 -3.32 -4.93 -29.54
C ASN B 34 -1.93 -4.90 -28.95
N SER B 35 -1.42 -6.05 -28.54
CA SER B 35 -0.17 -6.11 -27.81
C SER B 35 1.02 -6.03 -28.75
N ALA B 36 0.74 -6.15 -30.05
CA ALA B 36 1.78 -6.16 -31.05
C ALA B 36 2.04 -4.78 -31.64
N PHE B 37 1.41 -3.73 -31.11
CA PHE B 37 1.40 -2.44 -31.81
C PHE B 37 2.72 -1.68 -31.80
N GLY B 38 3.13 -1.18 -30.65
CA GLY B 38 4.39 -0.46 -30.63
C GLY B 38 5.55 -1.35 -31.03
N LYS B 39 5.36 -2.65 -30.81
CA LYS B 39 6.46 -3.61 -30.80
C LYS B 39 7.13 -3.77 -32.15
N GLU B 40 8.38 -4.23 -32.11
CA GLU B 40 9.12 -4.55 -33.33
C GLU B 40 9.15 -6.05 -33.45
N VAL B 41 8.81 -6.52 -34.65
CA VAL B 41 8.76 -7.95 -34.91
C VAL B 41 9.95 -8.35 -35.77
N LYS B 42 10.65 -9.39 -35.35
CA LYS B 42 11.81 -9.87 -36.07
C LYS B 42 11.40 -10.77 -37.23
N VAL B 43 11.95 -10.51 -38.41
CA VAL B 43 11.60 -11.35 -39.57
C VAL B 43 12.83 -11.99 -40.17
N SER B 44 12.63 -13.15 -40.78
CA SER B 44 13.73 -13.85 -41.43
C SER B 44 14.03 -13.25 -42.80
N SER B 45 13.02 -12.67 -43.45
CA SER B 45 13.20 -12.15 -44.80
C SER B 45 12.61 -10.75 -45.05
N THR B 46 13.37 -9.93 -45.79
CA THR B 46 12.92 -8.62 -46.25
C THR B 46 13.61 -8.27 -47.58
N CYS B 47 12.91 -7.59 -48.51
CA CYS B 47 13.36 -7.53 -49.90
C CYS B 47 14.64 -6.74 -50.16
N GLY B 48 14.74 -5.51 -49.73
CA GLY B 48 15.71 -4.59 -50.28
C GLY B 48 17.20 -4.79 -50.32
N LYS B 49 17.71 -5.79 -49.64
CA LYS B 49 19.18 -5.91 -49.40
C LYS B 49 20.07 -5.66 -50.63
N PRO B 50 20.09 -6.54 -51.66
CA PRO B 50 20.26 -5.69 -52.85
C PRO B 50 18.92 -5.15 -53.28
N PRO B 51 18.87 -4.11 -54.08
CA PRO B 51 17.60 -3.73 -54.64
C PRO B 51 17.12 -4.89 -55.44
N SER B 52 15.85 -5.24 -55.31
CA SER B 52 15.33 -6.45 -55.96
C SER B 52 14.04 -6.16 -56.71
N ARG B 53 13.66 -7.07 -57.61
CA ARG B 53 12.42 -6.91 -58.35
C ARG B 53 11.30 -7.75 -57.75
N TYR B 54 10.09 -7.21 -57.75
CA TYR B 54 8.91 -8.01 -57.43
C TYR B 54 7.76 -7.65 -58.37
N CYS B 55 6.88 -8.61 -58.70
CA CYS B 55 5.76 -8.33 -59.60
C CYS B 55 4.43 -8.64 -58.93
N VAL B 56 3.43 -7.77 -59.10
CA VAL B 56 2.09 -8.04 -58.62
C VAL B 56 1.16 -8.39 -59.78
N VAL B 57 0.30 -9.37 -59.55
CA VAL B 57 -0.69 -9.80 -60.54
C VAL B 57 -2.06 -9.29 -60.16
N THR B 58 -2.74 -8.66 -61.10
CA THR B 58 -4.06 -8.10 -60.87
C THR B 58 -5.08 -8.74 -61.79
N GLU B 59 -6.34 -8.65 -61.41
CA GLU B 59 -7.42 -9.18 -62.23
C GLU B 59 -8.39 -8.10 -62.68
N LYS B 60 -8.66 -8.06 -63.97
CA LYS B 60 -9.75 -7.29 -64.53
C LYS B 60 -10.54 -8.23 -65.45
N GLY B 61 -11.78 -8.51 -65.08
CA GLY B 61 -12.51 -9.57 -65.76
C GLY B 61 -11.79 -10.90 -65.67
N GLU B 62 -11.65 -11.57 -66.80
CA GLU B 62 -10.80 -12.76 -66.89
C GLU B 62 -9.42 -12.42 -67.47
N GLU B 63 -9.13 -11.12 -67.58
CA GLU B 63 -7.80 -10.65 -67.96
C GLU B 63 -6.88 -10.46 -66.75
N GLN B 64 -5.68 -11.04 -66.81
CA GLN B 64 -4.66 -10.82 -65.79
C GLN B 64 -3.69 -9.76 -66.26
N VAL B 65 -3.29 -8.87 -65.36
CA VAL B 65 -2.27 -7.86 -65.65
C VAL B 65 -1.17 -7.85 -64.60
N ARG B 66 0.05 -8.15 -65.01
CA ARG B 66 1.19 -8.22 -64.09
C ARG B 66 2.11 -7.01 -64.22
N SER B 67 2.22 -6.23 -63.14
CA SER B 67 3.11 -5.07 -63.14
C SER B 67 4.23 -5.27 -62.15
N CYS B 68 5.43 -4.85 -62.50
CA CYS B 68 6.57 -5.05 -61.63
C CYS B 68 7.18 -3.74 -61.11
N HIS B 69 7.70 -3.86 -59.88
CA HIS B 69 8.27 -2.76 -59.14
C HIS B 69 9.60 -3.17 -58.51
N LEU B 70 10.19 -2.27 -57.73
CA LEU B 70 11.48 -2.51 -57.09
C LEU B 70 11.46 -2.24 -55.61
N CYS B 71 11.91 -3.18 -54.80
CA CYS B 71 12.06 -3.00 -53.36
C CYS B 71 13.48 -2.56 -53.20
N ASN B 72 13.75 -1.50 -52.48
CA ASN B 72 15.09 -0.97 -52.33
C ASN B 72 15.21 -0.38 -50.97
N ALA B 73 15.72 -1.14 -50.04
CA ALA B 73 15.55 -0.86 -48.64
C ALA B 73 16.31 0.31 -48.14
N SER B 74 16.60 1.24 -49.02
CA SER B 74 17.23 2.45 -48.59
C SER B 74 16.60 3.60 -49.32
N ASP B 75 15.35 3.46 -49.73
CA ASP B 75 14.66 4.47 -50.49
C ASP B 75 13.30 4.65 -49.89
N PRO B 76 13.34 5.02 -48.64
CA PRO B 76 12.22 4.83 -47.72
C PRO B 76 10.89 4.75 -48.46
N LYS B 77 10.91 5.18 -49.72
CA LYS B 77 9.75 5.04 -50.60
C LYS B 77 9.62 3.62 -51.16
N ARG B 78 10.69 3.11 -51.72
CA ARG B 78 10.64 1.81 -52.32
C ARG B 78 10.98 0.72 -51.34
N ALA B 79 10.78 0.97 -50.07
CA ALA B 79 11.22 0.05 -49.06
C ALA B 79 10.08 -0.50 -48.28
N HIS B 80 10.24 -1.73 -47.83
CA HIS B 80 9.20 -2.48 -47.13
C HIS B 80 9.76 -3.15 -45.89
N PRO B 81 10.07 -2.35 -44.85
CA PRO B 81 10.66 -2.81 -43.59
C PRO B 81 9.64 -3.49 -42.69
N PRO B 82 10.10 -4.27 -41.71
CA PRO B 82 9.19 -5.00 -40.82
C PRO B 82 8.48 -4.06 -39.86
N SER B 83 8.98 -2.83 -39.74
CA SER B 83 8.28 -1.76 -39.04
C SER B 83 6.84 -1.70 -39.51
N PHE B 84 6.66 -1.82 -40.83
CA PHE B 84 5.36 -1.71 -41.48
C PHE B 84 4.35 -2.76 -41.04
N LEU B 85 4.80 -3.76 -40.29
CA LEU B 85 3.89 -4.75 -39.71
C LEU B 85 3.12 -4.19 -38.52
N THR B 86 3.83 -3.51 -37.64
CA THR B 86 3.22 -3.05 -36.40
C THR B 86 2.83 -1.57 -36.42
N ASP B 87 3.09 -0.88 -37.53
CA ASP B 87 2.82 0.55 -37.58
C ASP B 87 1.33 0.84 -37.68
N LEU B 88 0.99 2.13 -37.74
CA LEU B 88 -0.39 2.57 -37.87
C LEU B 88 -1.06 2.02 -39.12
N ASN B 89 -2.25 1.44 -38.95
CA ASN B 89 -2.94 0.88 -40.10
C ASN B 89 -3.91 1.89 -40.70
N ASN B 90 -3.53 2.44 -41.85
CA ASN B 90 -4.36 3.39 -42.57
C ASN B 90 -4.72 2.85 -43.92
N PRO B 91 -6.01 2.57 -44.15
CA PRO B 91 -6.43 1.96 -45.41
C PRO B 91 -6.01 2.79 -46.62
N HIS B 92 -5.84 4.09 -46.44
CA HIS B 92 -5.47 4.96 -47.54
C HIS B 92 -3.99 4.77 -47.89
N ASN B 93 -3.09 5.17 -47.00
CA ASN B 93 -1.67 4.87 -47.21
C ASN B 93 -1.32 3.56 -46.53
N LEU B 94 -1.10 2.52 -47.33
CA LEU B 94 -0.91 1.19 -46.80
C LEU B 94 0.57 0.89 -46.62
N THR B 95 0.97 0.37 -45.46
CA THR B 95 2.36 0.02 -45.18
C THR B 95 2.51 -1.47 -45.02
N CYS B 96 3.29 -2.05 -45.92
CA CYS B 96 3.49 -3.49 -45.93
C CYS B 96 4.93 -3.96 -45.84
N TRP B 97 5.18 -4.87 -44.90
CA TRP B 97 6.44 -5.60 -44.90
C TRP B 97 6.34 -6.58 -46.03
N GLN B 98 7.45 -6.91 -46.66
CA GLN B 98 7.43 -7.81 -47.80
C GLN B 98 8.66 -8.71 -47.76
N SER B 99 8.45 -10.00 -47.97
CA SER B 99 9.52 -10.98 -47.93
C SER B 99 10.33 -10.97 -49.22
N ASP B 100 11.31 -11.86 -49.28
CA ASP B 100 12.11 -12.04 -50.48
C ASP B 100 11.31 -12.65 -51.60
N SER B 101 11.75 -12.43 -52.82
CA SER B 101 11.04 -12.92 -53.98
C SER B 101 11.20 -14.43 -54.06
N TYR B 102 10.07 -15.11 -54.14
CA TYR B 102 10.01 -16.58 -54.23
C TYR B 102 10.82 -17.31 -53.18
N VAL B 103 10.28 -17.36 -51.98
CA VAL B 103 10.80 -18.23 -50.96
C VAL B 103 9.74 -19.31 -50.81
N GLN B 104 10.06 -20.47 -51.35
CA GLN B 104 9.04 -21.47 -51.55
C GLN B 104 9.41 -22.76 -50.84
N TYR B 105 8.38 -23.59 -50.62
CA TYR B 105 8.53 -24.88 -50.02
C TYR B 105 9.68 -25.57 -50.76
N PRO B 106 10.57 -26.25 -50.03
CA PRO B 106 10.60 -26.56 -48.60
C PRO B 106 10.94 -25.40 -47.67
N HIS B 107 11.27 -24.24 -48.25
CA HIS B 107 11.58 -23.04 -47.46
C HIS B 107 10.36 -22.35 -46.87
N ASN B 108 10.58 -21.61 -45.79
CA ASN B 108 9.51 -20.87 -45.13
C ASN B 108 10.00 -19.54 -44.54
N VAL B 109 9.09 -18.59 -44.36
CA VAL B 109 9.48 -17.28 -43.82
C VAL B 109 8.89 -17.04 -42.43
N THR B 110 9.72 -16.62 -41.48
CA THR B 110 9.25 -16.54 -40.10
C THR B 110 9.27 -15.12 -39.53
N LEU B 111 8.10 -14.69 -39.07
CA LEU B 111 7.97 -13.49 -38.24
C LEU B 111 7.83 -13.88 -36.78
N THR B 112 8.60 -13.23 -35.93
CA THR B 112 8.54 -13.54 -34.52
C THR B 112 8.50 -12.26 -33.68
N LEU B 113 7.51 -12.20 -32.80
CA LEU B 113 7.15 -11.00 -32.05
C LEU B 113 7.08 -11.29 -30.55
N SER B 114 7.76 -10.47 -29.74
CA SER B 114 7.79 -10.68 -28.29
C SER B 114 6.99 -9.62 -27.54
N LEU B 115 6.02 -10.08 -26.75
CA LEU B 115 5.09 -9.19 -26.06
C LEU B 115 5.70 -8.54 -24.82
N GLY B 116 6.46 -9.32 -24.06
CA GLY B 116 7.15 -8.81 -22.90
C GLY B 116 6.43 -9.13 -21.60
N LYS B 117 5.14 -9.41 -21.71
CA LYS B 117 4.34 -9.76 -20.55
C LYS B 117 3.53 -10.98 -20.88
N LYS B 118 3.06 -11.68 -19.85
CA LYS B 118 2.13 -12.76 -20.11
C LYS B 118 0.81 -12.13 -20.51
N PHE B 119 0.31 -12.54 -21.66
CA PHE B 119 -0.92 -12.02 -22.21
C PHE B 119 -1.96 -13.11 -22.33
N GLU B 120 -3.22 -12.79 -22.07
CA GLU B 120 -4.29 -13.70 -22.48
C GLU B 120 -4.73 -13.20 -23.85
N VAL B 121 -4.39 -13.94 -24.90
CA VAL B 121 -4.55 -13.43 -26.26
C VAL B 121 -5.84 -13.96 -26.87
N THR B 122 -6.75 -13.06 -27.19
CA THR B 122 -8.05 -13.43 -27.74
C THR B 122 -7.91 -13.80 -29.23
N TYR B 123 -7.04 -13.11 -29.93
CA TYR B 123 -6.81 -13.44 -31.33
C TYR B 123 -5.46 -13.00 -31.85
N VAL B 124 -5.05 -13.61 -32.95
CA VAL B 124 -3.91 -13.08 -33.69
C VAL B 124 -4.35 -12.99 -35.15
N SER B 125 -4.11 -11.84 -35.75
CA SER B 125 -4.60 -11.54 -37.09
C SER B 125 -3.52 -10.92 -37.99
N LEU B 126 -3.45 -11.43 -39.20
CA LEU B 126 -2.57 -10.89 -40.22
C LEU B 126 -3.39 -10.38 -41.39
N GLN B 127 -3.04 -9.19 -41.88
CA GLN B 127 -3.66 -8.60 -43.06
C GLN B 127 -2.61 -8.48 -44.14
N PHE B 128 -2.79 -9.23 -45.22
CA PHE B 128 -1.81 -9.39 -46.30
C PHE B 128 -1.91 -8.38 -47.45
N CYS B 129 -0.76 -8.02 -48.00
CA CYS B 129 -0.69 -7.28 -49.26
C CYS B 129 -0.43 -8.18 -50.44
N SER B 130 -0.28 -9.45 -50.15
CA SER B 130 -0.09 -10.39 -51.20
C SER B 130 -1.19 -11.42 -51.12
N PRO B 131 -1.21 -12.36 -52.07
CA PRO B 131 -2.09 -13.48 -51.81
C PRO B 131 -1.65 -14.19 -50.53
N ARG B 132 -2.64 -14.69 -49.82
CA ARG B 132 -2.46 -15.39 -48.55
C ARG B 132 -1.65 -16.66 -48.76
N PRO B 133 -1.08 -17.19 -47.68
CA PRO B 133 -0.33 -18.45 -47.80
C PRO B 133 -1.26 -19.64 -48.00
N GLU B 134 -0.79 -20.66 -48.70
CA GLU B 134 -1.53 -21.92 -48.77
C GLU B 134 -1.29 -22.68 -47.46
N SER B 135 -0.11 -22.51 -46.86
CA SER B 135 0.19 -23.13 -45.57
C SER B 135 0.93 -22.17 -44.65
N MET B 136 0.46 -22.10 -43.41
CA MET B 136 0.95 -21.17 -42.43
C MET B 136 0.80 -21.74 -41.02
N ALA B 137 1.77 -21.48 -40.16
CA ALA B 137 1.74 -22.00 -38.80
C ALA B 137 1.91 -20.91 -37.77
N ILE B 138 1.24 -21.06 -36.64
CA ILE B 138 1.35 -20.13 -35.52
C ILE B 138 1.78 -20.85 -34.26
N TYR B 139 2.90 -20.43 -33.70
CA TYR B 139 3.42 -20.98 -32.46
C TYR B 139 3.42 -19.88 -31.41
N LYS B 140 3.34 -20.26 -30.14
CA LYS B 140 3.44 -19.29 -29.06
C LYS B 140 4.57 -19.66 -28.10
N SER B 141 4.82 -18.78 -27.14
CA SER B 141 5.77 -19.05 -26.08
C SER B 141 5.23 -18.54 -24.75
N MET B 142 5.11 -19.46 -23.79
CA MET B 142 4.62 -19.15 -22.45
C MET B 142 5.75 -18.89 -21.45
N ASP B 143 6.98 -19.10 -21.88
CA ASP B 143 8.14 -18.59 -21.18
C ASP B 143 8.82 -17.71 -22.19
N TYR B 144 9.81 -16.92 -21.78
CA TYR B 144 10.08 -15.79 -22.64
C TYR B 144 11.10 -16.19 -23.67
N GLY B 145 10.60 -16.48 -24.88
CA GLY B 145 11.41 -16.91 -26.01
C GLY B 145 12.18 -18.20 -25.83
N LYS B 146 12.01 -18.86 -24.69
CA LYS B 146 12.78 -20.06 -24.38
C LYS B 146 12.22 -21.33 -25.02
N THR B 147 10.89 -21.49 -25.01
CA THR B 147 10.29 -22.66 -25.65
C THR B 147 9.08 -22.31 -26.49
N TRP B 148 8.88 -23.03 -27.58
CA TRP B 148 7.78 -22.77 -28.48
C TRP B 148 6.84 -23.96 -28.57
N VAL B 149 5.55 -23.67 -28.63
CA VAL B 149 4.53 -24.69 -28.83
C VAL B 149 3.52 -24.22 -29.86
N PRO B 150 2.98 -25.15 -30.66
CA PRO B 150 2.02 -24.81 -31.71
C PRO B 150 0.75 -24.15 -31.18
N PHE B 151 0.27 -23.12 -31.88
CA PHE B 151 -0.99 -22.43 -31.57
C PHE B 151 -2.07 -22.83 -32.59
N GLN B 152 -1.81 -22.52 -33.86
CA GLN B 152 -2.77 -22.82 -34.92
C GLN B 152 -2.08 -23.25 -36.20
N PHE B 153 -2.76 -24.04 -37.03
CA PHE B 153 -2.21 -24.39 -38.34
C PHE B 153 -3.22 -24.15 -39.45
N TYR B 154 -2.75 -23.63 -40.56
CA TYR B 154 -3.58 -23.38 -41.72
C TYR B 154 -2.95 -24.04 -42.93
N SER B 155 -3.66 -24.96 -43.58
CA SER B 155 -3.18 -25.57 -44.81
C SER B 155 -4.30 -26.18 -45.63
N THR B 156 -4.06 -26.34 -46.93
CA THR B 156 -4.98 -27.04 -47.81
C THR B 156 -4.90 -28.54 -47.56
N GLN B 157 -3.68 -29.06 -47.55
CA GLN B 157 -3.46 -30.43 -47.12
C GLN B 157 -2.68 -30.45 -45.81
N CYS B 158 -3.38 -30.79 -44.73
CA CYS B 158 -2.82 -30.71 -43.39
C CYS B 158 -1.95 -31.91 -43.05
N ARG B 159 -2.37 -33.10 -43.46
CA ARG B 159 -1.64 -34.32 -43.15
C ARG B 159 -0.26 -34.33 -43.79
N LYS B 160 -0.20 -33.96 -45.06
CA LYS B 160 1.06 -34.02 -45.80
C LYS B 160 1.98 -32.87 -45.45
N MET B 161 1.41 -31.81 -44.90
CA MET B 161 2.17 -30.59 -44.66
C MET B 161 2.67 -30.47 -43.21
N TYR B 162 1.72 -30.37 -42.30
CA TYR B 162 2.01 -30.23 -40.88
C TYR B 162 1.86 -31.54 -40.10
N ASN B 163 1.57 -32.62 -40.81
CA ASN B 163 1.38 -33.93 -40.20
C ASN B 163 0.26 -33.87 -39.16
N LYS B 164 -0.68 -32.97 -39.37
CA LYS B 164 -1.85 -32.86 -38.51
C LYS B 164 -3.10 -33.15 -39.30
N PRO B 165 -4.12 -33.70 -38.63
CA PRO B 165 -5.39 -33.98 -39.31
C PRO B 165 -6.01 -32.70 -39.83
N SER B 166 -6.91 -32.77 -40.80
CA SER B 166 -7.56 -31.55 -41.23
C SER B 166 -8.60 -31.22 -40.19
N ARG B 167 -9.48 -30.26 -40.47
CA ARG B 167 -10.25 -29.62 -39.41
C ARG B 167 -10.92 -30.65 -38.53
N ALA B 168 -10.61 -30.60 -37.23
CA ALA B 168 -10.89 -31.72 -36.36
C ALA B 168 -11.65 -31.34 -35.11
N ALA B 169 -12.46 -32.29 -34.63
CA ALA B 169 -13.28 -32.04 -33.46
C ALA B 169 -12.44 -32.07 -32.21
N ILE B 170 -12.45 -30.97 -31.48
CA ILE B 170 -11.79 -30.92 -30.19
C ILE B 170 -12.75 -31.28 -29.07
N THR B 171 -12.26 -31.98 -28.08
CA THR B 171 -13.11 -32.47 -27.00
C THR B 171 -12.64 -31.83 -25.70
N LYS B 172 -13.37 -32.07 -24.62
CA LYS B 172 -13.03 -31.47 -23.33
C LYS B 172 -11.70 -32.00 -22.77
N GLN B 173 -11.16 -33.02 -23.44
CA GLN B 173 -9.83 -33.57 -23.16
C GLN B 173 -8.70 -32.79 -23.79
N ASN B 174 -8.73 -32.74 -25.11
CA ASN B 174 -7.68 -32.14 -25.91
C ASN B 174 -7.83 -30.63 -26.17
N GLU B 175 -8.63 -29.95 -25.35
CA GLU B 175 -8.90 -28.51 -25.55
C GLU B 175 -7.67 -27.66 -25.85
N GLN B 176 -6.49 -28.11 -25.45
CA GLN B 176 -5.29 -27.34 -25.69
C GLN B 176 -4.64 -27.72 -27.00
N GLU B 177 -5.26 -28.64 -27.74
CA GLU B 177 -4.69 -29.10 -29.00
C GLU B 177 -4.83 -28.06 -30.08
N ALA B 178 -3.71 -27.71 -30.69
CA ALA B 178 -3.73 -26.82 -31.85
C ALA B 178 -4.35 -27.58 -33.02
N ILE B 179 -5.27 -26.94 -33.72
CA ILE B 179 -5.93 -27.60 -34.83
C ILE B 179 -5.41 -27.11 -36.17
N CYS B 180 -5.88 -27.74 -37.24
CA CYS B 180 -5.50 -27.33 -38.57
C CYS B 180 -6.71 -27.33 -39.47
N THR B 181 -7.01 -26.16 -40.03
CA THR B 181 -8.16 -26.00 -40.91
C THR B 181 -7.71 -25.50 -42.29
N ASP B 182 -8.53 -25.77 -43.30
CA ASP B 182 -8.24 -25.34 -44.66
C ASP B 182 -8.83 -23.95 -44.91
N SER B 183 -9.43 -23.37 -43.88
CA SER B 183 -9.99 -22.03 -43.98
C SER B 183 -8.90 -20.97 -44.13
N HIS B 184 -9.24 -19.87 -44.79
CA HIS B 184 -8.34 -18.74 -45.01
C HIS B 184 -7.11 -19.16 -45.81
N THR B 185 -7.21 -20.28 -46.51
CA THR B 185 -6.14 -20.71 -47.40
C THR B 185 -6.44 -20.36 -48.84
N ASP B 186 -7.58 -19.74 -49.10
CA ASP B 186 -7.98 -19.48 -50.47
C ASP B 186 -7.20 -18.32 -51.11
N VAL B 187 -6.75 -18.56 -52.34
CA VAL B 187 -5.76 -17.69 -52.97
C VAL B 187 -6.34 -16.30 -53.18
N ARG B 188 -7.67 -16.18 -53.09
CA ARG B 188 -8.25 -14.85 -53.08
C ARG B 188 -8.83 -14.47 -51.73
N PRO B 189 -8.92 -13.16 -51.46
CA PRO B 189 -8.52 -12.00 -52.28
C PRO B 189 -7.04 -12.03 -52.67
N LEU B 190 -6.69 -11.47 -53.82
CA LEU B 190 -5.28 -11.43 -54.20
C LEU B 190 -4.54 -10.37 -53.37
N SER B 191 -5.29 -9.52 -52.69
CA SER B 191 -4.71 -8.55 -51.78
C SER B 191 -5.75 -8.16 -50.74
N GLY B 192 -5.27 -7.69 -49.59
CA GLY B 192 -6.14 -7.32 -48.49
C GLY B 192 -6.76 -8.53 -47.84
N GLY B 193 -6.28 -9.72 -48.20
CA GLY B 193 -6.73 -10.96 -47.57
C GLY B 193 -6.42 -10.95 -46.08
N LEU B 194 -7.24 -11.64 -45.31
CA LEU B 194 -7.14 -11.56 -43.86
C LEU B 194 -7.18 -12.94 -43.20
N ILE B 195 -6.25 -13.19 -42.29
CA ILE B 195 -6.30 -14.43 -41.48
C ILE B 195 -6.47 -14.08 -40.01
N ALA B 196 -7.55 -14.57 -39.42
CA ALA B 196 -7.86 -14.31 -38.03
C ALA B 196 -7.97 -15.61 -37.24
N PHE B 197 -7.05 -15.79 -36.30
CA PHE B 197 -7.06 -16.96 -35.44
C PHE B 197 -7.61 -16.57 -34.09
N SER B 198 -8.79 -17.11 -33.79
CA SER B 198 -9.38 -16.91 -32.48
C SER B 198 -8.93 -18.04 -31.59
N THR B 199 -8.42 -17.69 -30.40
CA THR B 199 -7.86 -18.73 -29.56
C THR B 199 -8.95 -19.57 -28.91
N LEU B 200 -10.11 -18.98 -28.65
CA LEU B 200 -11.16 -19.73 -27.97
C LEU B 200 -12.19 -20.34 -28.91
N ASP B 201 -11.97 -20.19 -30.21
CA ASP B 201 -12.92 -20.69 -31.21
C ASP B 201 -13.02 -22.20 -31.22
N GLY B 202 -14.25 -22.69 -31.12
CA GLY B 202 -14.56 -24.10 -31.22
C GLY B 202 -14.24 -24.92 -29.98
N ARG B 203 -13.82 -24.25 -28.92
CA ARG B 203 -13.42 -24.94 -27.71
C ARG B 203 -14.56 -25.01 -26.69
N PRO B 204 -14.92 -26.23 -26.29
CA PRO B 204 -16.12 -26.60 -25.52
C PRO B 204 -16.36 -25.76 -24.28
N THR B 205 -15.30 -25.49 -23.53
CA THR B 205 -15.48 -24.86 -22.23
C THR B 205 -15.35 -23.33 -22.32
N ALA B 206 -15.24 -22.83 -23.54
CA ALA B 206 -14.99 -21.40 -23.78
C ALA B 206 -15.94 -20.48 -22.99
N HIS B 207 -17.23 -20.80 -22.97
CA HIS B 207 -18.18 -19.98 -22.23
C HIS B 207 -17.81 -19.94 -20.74
N ASP B 208 -17.24 -21.03 -20.25
CA ASP B 208 -16.85 -21.17 -18.85
C ASP B 208 -15.38 -20.78 -18.65
N PHE B 209 -14.78 -20.11 -19.64
CA PHE B 209 -13.37 -19.74 -19.57
C PHE B 209 -12.94 -19.19 -18.22
N ASP B 210 -13.83 -18.43 -17.59
CA ASP B 210 -13.57 -17.84 -16.27
C ASP B 210 -13.17 -18.87 -15.23
N ASN B 211 -13.90 -19.98 -15.21
CA ASN B 211 -13.64 -21.11 -14.33
C ASN B 211 -12.86 -22.28 -14.96
N SER B 212 -12.39 -22.12 -16.20
CA SER B 212 -11.63 -23.19 -16.86
C SER B 212 -10.15 -22.90 -16.98
N PRO B 213 -9.33 -23.53 -16.12
CA PRO B 213 -7.89 -23.24 -16.02
C PRO B 213 -7.13 -23.68 -17.26
N VAL B 214 -7.52 -24.80 -17.86
CA VAL B 214 -6.84 -25.28 -19.06
C VAL B 214 -6.99 -24.27 -20.19
N LEU B 215 -8.16 -23.64 -20.25
CA LEU B 215 -8.42 -22.66 -21.28
C LEU B 215 -7.71 -21.33 -20.97
N GLN B 216 -7.63 -20.99 -19.69
CA GLN B 216 -6.88 -19.80 -19.27
C GLN B 216 -5.39 -19.97 -19.56
N ASP B 217 -4.94 -21.21 -19.54
CA ASP B 217 -3.57 -21.54 -19.85
C ASP B 217 -3.36 -21.43 -21.35
N TRP B 218 -4.26 -22.04 -22.09
CA TRP B 218 -4.20 -22.10 -23.56
C TRP B 218 -4.10 -20.73 -24.20
N VAL B 219 -4.73 -19.76 -23.56
CA VAL B 219 -4.81 -18.41 -24.08
C VAL B 219 -3.61 -17.56 -23.62
N THR B 220 -2.73 -18.16 -22.82
CA THR B 220 -1.60 -17.43 -22.25
C THR B 220 -0.35 -17.55 -23.13
N ALA B 221 0.21 -16.41 -23.54
CA ALA B 221 1.47 -16.41 -24.31
C ALA B 221 2.32 -15.17 -24.04
N THR B 222 3.62 -15.35 -23.91
CA THR B 222 4.53 -14.21 -23.84
C THR B 222 5.12 -13.85 -25.21
N ASP B 223 5.00 -14.77 -26.15
CA ASP B 223 5.60 -14.54 -27.47
C ASP B 223 4.76 -15.19 -28.55
N ILE B 224 4.75 -14.58 -29.74
CA ILE B 224 4.00 -15.11 -30.86
C ILE B 224 4.92 -15.23 -32.05
N LYS B 225 4.90 -16.38 -32.72
CA LYS B 225 5.74 -16.59 -33.90
C LYS B 225 4.94 -17.22 -35.03
N VAL B 226 4.82 -16.50 -36.16
CA VAL B 226 4.16 -17.05 -37.36
C VAL B 226 5.19 -17.46 -38.42
N THR B 227 4.90 -18.55 -39.12
CA THR B 227 5.78 -19.05 -40.16
C THR B 227 4.97 -19.41 -41.41
N PHE B 228 5.30 -18.76 -42.52
CA PHE B 228 4.64 -18.99 -43.78
C PHE B 228 5.38 -20.09 -44.52
N SER B 229 4.73 -21.25 -44.61
CA SER B 229 5.37 -22.44 -45.14
C SER B 229 5.36 -22.54 -46.67
N ARG B 230 4.23 -22.24 -47.29
CA ARG B 230 4.09 -22.47 -48.72
C ARG B 230 3.27 -21.41 -49.44
N LEU B 231 3.73 -21.07 -50.65
CA LEU B 231 3.12 -20.03 -51.47
C LEU B 231 2.09 -20.56 -52.45
N HIS B 232 1.02 -19.79 -52.64
CA HIS B 232 0.13 -20.01 -53.78
C HIS B 232 0.84 -19.56 -55.05
N THR B 233 0.93 -20.44 -56.03
CA THR B 233 1.49 -20.06 -57.32
C THR B 233 0.36 -19.63 -58.25
N PHE B 234 0.30 -18.34 -58.55
CA PHE B 234 -0.82 -17.80 -59.30
C PHE B 234 -0.34 -16.85 -60.39
N GLY B 235 -0.67 -17.17 -61.63
CA GLY B 235 -0.34 -16.34 -62.76
C GLY B 235 0.06 -17.16 -63.95
N ASP B 236 0.25 -16.49 -65.08
CA ASP B 236 0.56 -17.17 -66.33
C ASP B 236 2.06 -17.13 -66.55
N GLU B 237 2.66 -18.31 -66.72
CA GLU B 237 4.09 -18.43 -66.93
C GLU B 237 4.47 -17.65 -68.18
N ASN B 238 5.53 -16.84 -68.07
CA ASN B 238 5.96 -16.01 -69.18
C ASN B 238 7.19 -16.59 -69.87
N GLU B 239 7.14 -16.57 -71.20
CA GLU B 239 8.11 -17.21 -72.08
C GLU B 239 9.46 -16.46 -72.14
N ASP B 240 9.41 -15.13 -72.09
CA ASP B 240 10.63 -14.31 -72.11
C ASP B 240 11.58 -14.69 -70.95
N ASP B 241 11.18 -14.37 -69.72
CA ASP B 241 11.92 -14.80 -68.54
C ASP B 241 10.99 -15.47 -67.51
N SER B 242 11.43 -16.63 -67.01
CA SER B 242 10.67 -17.33 -65.98
C SER B 242 10.65 -16.51 -64.70
N GLU B 243 11.69 -15.70 -64.53
CA GLU B 243 11.87 -14.87 -63.35
C GLU B 243 10.64 -14.02 -63.05
N LEU B 244 9.92 -13.60 -64.10
CA LEU B 244 8.72 -12.78 -63.92
C LEU B 244 7.67 -13.49 -63.09
N ALA B 245 7.53 -14.80 -63.32
CA ALA B 245 6.60 -15.60 -62.53
C ALA B 245 7.21 -15.94 -61.19
N ARG B 246 8.54 -15.87 -61.11
CA ARG B 246 9.25 -16.13 -59.87
C ARG B 246 9.23 -14.93 -58.95
N ASP B 247 9.42 -13.74 -59.53
CA ASP B 247 9.46 -12.50 -58.77
C ASP B 247 8.07 -12.06 -58.33
N SER B 248 7.04 -12.76 -58.81
CA SER B 248 5.67 -12.41 -58.46
C SER B 248 5.16 -13.23 -57.27
N TYR B 249 5.99 -14.15 -56.78
CA TYR B 249 5.62 -14.99 -55.64
C TYR B 249 6.39 -14.58 -54.37
N PHE B 250 5.68 -14.01 -53.40
CA PHE B 250 6.31 -13.61 -52.15
C PHE B 250 5.29 -13.46 -51.03
N TYR B 251 5.75 -13.13 -49.83
CA TYR B 251 4.84 -12.85 -48.73
C TYR B 251 4.86 -11.36 -48.44
N ALA B 252 3.69 -10.77 -48.26
CA ALA B 252 3.59 -9.37 -47.90
C ALA B 252 2.46 -9.18 -46.89
N VAL B 253 2.72 -8.40 -45.85
CA VAL B 253 1.72 -8.22 -44.81
C VAL B 253 1.52 -6.75 -44.44
N SER B 254 0.26 -6.31 -44.45
CA SER B 254 -0.08 -4.92 -44.09
C SER B 254 -0.12 -4.75 -42.61
N ASP B 255 -0.70 -5.70 -41.90
CA ASP B 255 -0.88 -5.49 -40.46
C ASP B 255 -0.76 -6.76 -39.64
N LEU B 256 -0.04 -6.65 -38.52
CA LEU B 256 0.05 -7.74 -37.56
C LEU B 256 -0.61 -7.32 -36.25
N GLN B 257 -1.52 -8.15 -35.75
CA GLN B 257 -2.22 -7.85 -34.49
C GLN B 257 -2.30 -9.04 -33.55
N VAL B 258 -1.90 -8.86 -32.31
CA VAL B 258 -2.23 -9.81 -31.28
C VAL B 258 -3.18 -9.10 -30.32
N GLY B 259 -4.46 -9.42 -30.45
CA GLY B 259 -5.46 -8.82 -29.59
C GLY B 259 -5.61 -9.66 -28.36
N GLY B 260 -5.82 -9.00 -27.22
CA GLY B 260 -5.99 -9.68 -25.95
C GLY B 260 -5.78 -8.76 -24.75
N ARG B 261 -5.84 -9.31 -23.54
CA ARG B 261 -5.68 -8.51 -22.34
C ARG B 261 -4.45 -8.94 -21.59
N CYS B 262 -3.74 -7.98 -21.01
CA CYS B 262 -2.58 -8.25 -20.15
C CYS B 262 -3.00 -9.19 -19.02
N LYS B 263 -2.26 -10.22 -18.74
CA LYS B 263 -2.72 -11.21 -17.79
C LYS B 263 -2.38 -10.87 -16.38
N CYS B 264 -3.35 -10.45 -15.59
CA CYS B 264 -3.12 -10.30 -14.18
C CYS B 264 -4.01 -11.14 -13.31
N ASN B 265 -4.59 -12.20 -13.83
CA ASN B 265 -5.26 -13.17 -13.00
C ASN B 265 -6.42 -12.58 -12.29
N GLY B 266 -6.96 -11.52 -12.84
CA GLY B 266 -8.16 -10.95 -12.33
C GLY B 266 -7.96 -10.03 -11.20
N HIS B 267 -6.72 -9.70 -10.90
CA HIS B 267 -6.41 -8.86 -9.76
C HIS B 267 -5.83 -7.51 -10.06
N ALA B 268 -5.86 -7.07 -11.29
CA ALA B 268 -5.31 -5.78 -11.62
C ALA B 268 -6.12 -5.13 -12.68
N SER B 269 -6.13 -3.81 -12.69
CA SER B 269 -6.97 -3.06 -13.57
C SER B 269 -6.13 -2.36 -14.54
N ARG B 270 -4.84 -2.55 -14.43
CA ARG B 270 -3.93 -2.00 -15.43
C ARG B 270 -2.52 -2.59 -15.34
N CYS B 271 -1.77 -2.51 -16.44
CA CYS B 271 -0.35 -2.86 -16.43
C CYS B 271 0.51 -1.61 -16.61
N VAL B 272 1.62 -1.57 -15.88
CA VAL B 272 2.50 -0.42 -15.90
C VAL B 272 3.95 -0.89 -15.85
N ARG B 273 4.88 -0.04 -16.27
CA ARG B 273 6.30 -0.42 -16.30
C ARG B 273 6.97 -0.11 -14.96
N ASP B 274 7.67 -1.09 -14.39
CA ASP B 274 8.32 -0.91 -13.10
C ASP B 274 9.64 -0.15 -13.26
N ARG B 275 10.40 -0.05 -12.16
CA ARG B 275 11.66 0.68 -12.15
C ARG B 275 12.69 0.17 -13.18
N ASP B 276 12.63 -1.11 -13.51
CA ASP B 276 13.56 -1.68 -14.47
C ASP B 276 13.03 -1.54 -15.89
N ASP B 277 11.90 -0.84 -16.01
CA ASP B 277 11.17 -0.51 -17.25
C ASP B 277 10.57 -1.70 -17.99
N ASN B 278 10.70 -2.91 -17.45
CA ASN B 278 9.93 -4.03 -17.97
C ASN B 278 8.48 -3.86 -17.52
N LEU B 279 7.56 -4.50 -18.24
CA LEU B 279 6.13 -4.33 -17.99
C LEU B 279 5.60 -5.33 -16.98
N VAL B 280 4.80 -4.86 -16.02
CA VAL B 280 4.18 -5.71 -15.04
C VAL B 280 2.85 -5.19 -14.55
N CYS B 281 2.08 -6.04 -13.92
CA CYS B 281 0.76 -5.72 -13.47
C CYS B 281 0.81 -4.83 -12.30
N ASP B 282 -0.21 -4.03 -12.13
CA ASP B 282 -0.30 -3.16 -11.00
C ASP B 282 -1.16 -3.86 -9.98
N CYS B 283 -0.63 -4.91 -9.40
CA CYS B 283 -1.44 -5.85 -8.69
C CYS B 283 -2.08 -5.14 -7.58
N LYS B 284 -3.26 -5.58 -7.21
CA LYS B 284 -4.00 -5.06 -6.09
C LYS B 284 -4.58 -6.31 -5.53
N HIS B 285 -5.33 -6.25 -4.46
CA HIS B 285 -5.87 -7.42 -3.81
C HIS B 285 -4.86 -8.11 -2.99
N ASN B 286 -3.86 -7.37 -2.54
CA ASN B 286 -2.90 -7.91 -1.62
C ASN B 286 -2.13 -9.01 -2.30
N THR B 287 -1.95 -8.90 -3.60
CA THR B 287 -1.20 -9.87 -4.32
C THR B 287 0.02 -9.24 -4.87
N ALA B 288 0.94 -10.06 -5.32
CA ALA B 288 2.22 -9.63 -5.79
C ALA B 288 2.62 -10.53 -6.88
N GLY B 289 3.63 -10.17 -7.61
CA GLY B 289 4.06 -10.97 -8.73
C GLY B 289 3.89 -10.19 -9.99
N PRO B 290 4.52 -10.73 -11.11
CA PRO B 290 4.29 -9.98 -12.34
C PRO B 290 2.86 -10.09 -12.77
N GLU B 291 2.31 -11.28 -12.66
CA GLU B 291 0.97 -11.60 -13.09
C GLU B 291 0.08 -11.73 -11.91
N CYS B 292 0.46 -11.12 -10.81
CA CYS B 292 -0.29 -11.25 -9.60
C CYS B 292 -0.58 -12.69 -9.36
N ASP B 293 0.44 -13.52 -9.42
CA ASP B 293 0.26 -14.92 -9.23
C ASP B 293 0.47 -15.36 -7.83
N ARG B 294 0.78 -14.44 -6.92
CA ARG B 294 1.13 -14.83 -5.58
C ARG B 294 0.75 -13.81 -4.56
N CYS B 295 0.68 -14.20 -3.30
CA CYS B 295 0.25 -13.29 -2.28
C CYS B 295 1.37 -12.39 -1.81
N LYS B 296 1.02 -11.15 -1.54
CA LYS B 296 1.89 -10.14 -0.97
C LYS B 296 2.38 -10.63 0.40
N PRO B 297 3.60 -10.24 0.79
CA PRO B 297 4.19 -10.67 2.07
C PRO B 297 3.27 -10.44 3.26
N PHE B 298 3.34 -11.33 4.24
CA PHE B 298 2.54 -11.28 5.47
C PHE B 298 1.04 -11.45 5.22
N HIS B 299 0.64 -11.49 3.97
CA HIS B 299 -0.76 -11.68 3.61
C HIS B 299 -1.17 -13.09 3.23
N TYR B 300 -0.36 -14.11 3.51
CA TYR B 300 -0.92 -15.41 3.17
C TYR B 300 -1.47 -16.16 4.37
N ASP B 301 -2.74 -15.92 4.62
CA ASP B 301 -3.50 -16.61 5.64
C ASP B 301 -4.29 -17.74 5.01
N ARG B 302 -4.35 -17.69 3.68
CA ARG B 302 -5.11 -18.65 2.90
C ARG B 302 -4.53 -18.71 1.48
N PRO B 303 -4.70 -19.79 0.80
CA PRO B 303 -4.08 -19.98 -0.48
C PRO B 303 -4.53 -19.00 -1.54
N TRP B 304 -3.65 -18.72 -2.46
CA TRP B 304 -3.90 -17.76 -3.49
C TRP B 304 -4.91 -18.29 -4.47
N GLN B 305 -5.66 -17.41 -5.12
CA GLN B 305 -6.65 -17.87 -6.07
C GLN B 305 -7.03 -16.78 -7.01
N ARG B 306 -7.15 -17.13 -8.26
CA ARG B 306 -7.50 -16.18 -9.31
C ARG B 306 -8.94 -15.70 -9.12
N ALA B 307 -9.25 -14.48 -9.55
CA ALA B 307 -10.59 -13.93 -9.35
C ALA B 307 -11.61 -14.54 -10.32
N THR B 308 -12.73 -14.98 -9.77
CA THR B 308 -13.76 -15.69 -10.53
C THR B 308 -14.95 -14.85 -10.98
N ALA B 309 -14.90 -13.54 -10.76
CA ALA B 309 -16.01 -12.64 -11.09
C ALA B 309 -17.20 -12.86 -10.17
N ARG B 310 -17.16 -13.90 -9.35
CA ARG B 310 -18.06 -14.00 -8.22
C ARG B 310 -17.27 -13.63 -6.95
N GLU B 311 -16.27 -14.43 -6.62
CA GLU B 311 -15.34 -14.10 -5.54
C GLU B 311 -14.09 -13.43 -6.11
N ALA B 312 -13.64 -12.39 -5.42
CA ALA B 312 -12.44 -11.67 -5.83
C ALA B 312 -11.21 -12.42 -5.38
N ASN B 313 -11.41 -13.26 -4.36
CA ASN B 313 -10.34 -14.07 -3.82
C ASN B 313 -9.09 -13.27 -3.49
N GLU B 314 -9.25 -12.21 -2.70
CA GLU B 314 -8.11 -11.42 -2.24
C GLU B 314 -7.37 -12.15 -1.15
N CYS B 315 -6.06 -11.92 -1.06
CA CYS B 315 -5.25 -12.48 0.00
C CYS B 315 -5.54 -11.77 1.33
N VAL B 316 -5.51 -12.51 2.43
CA VAL B 316 -5.84 -11.95 3.75
C VAL B 316 -4.61 -11.90 4.64
N ALA B 317 -4.40 -10.79 5.34
CA ALA B 317 -3.21 -10.64 6.17
C ALA B 317 -3.19 -11.62 7.33
N CYS B 318 -2.01 -12.11 7.70
CA CYS B 318 -1.83 -12.95 8.88
C CYS B 318 -2.20 -12.15 10.11
N ASN B 319 -2.71 -12.83 11.13
CA ASN B 319 -2.96 -12.14 12.38
C ASN B 319 -1.88 -12.41 13.39
N CYS B 320 -1.07 -11.40 13.60
CA CYS B 320 -0.10 -11.38 14.67
C CYS B 320 -0.49 -10.16 15.47
N ASN B 321 -0.12 -10.17 16.74
CA ASN B 321 -0.69 -9.24 17.69
C ASN B 321 0.09 -7.94 17.68
N LEU B 322 0.78 -7.73 16.55
CA LEU B 322 1.72 -6.66 16.31
C LEU B 322 2.98 -6.92 17.07
N HIS B 323 3.24 -8.20 17.32
CA HIS B 323 4.54 -8.60 17.79
C HIS B 323 5.42 -9.20 16.70
N ALA B 324 4.87 -9.41 15.50
CA ALA B 324 5.70 -9.78 14.36
C ALA B 324 5.06 -9.44 13.02
N ARG B 325 5.85 -9.03 12.02
CA ARG B 325 5.32 -9.17 10.67
C ARG B 325 6.14 -10.15 9.84
N ARG B 326 5.86 -11.44 10.01
CA ARG B 326 6.31 -12.51 9.15
C ARG B 326 5.34 -13.65 9.34
N CYS B 327 4.99 -14.34 8.28
CA CYS B 327 4.09 -15.46 8.48
C CYS B 327 4.29 -16.49 7.40
N ARG B 328 3.82 -17.69 7.68
CA ARG B 328 3.82 -18.73 6.67
C ARG B 328 2.49 -19.46 6.79
N PHE B 329 2.04 -20.05 5.68
CA PHE B 329 0.74 -20.71 5.66
C PHE B 329 0.85 -22.15 6.11
N ASN B 330 -0.16 -22.64 6.82
CA ASN B 330 -0.18 -24.04 7.20
C ASN B 330 -1.47 -24.67 6.74
N MET B 331 -1.35 -25.60 5.79
CA MET B 331 -2.53 -26.17 5.15
C MET B 331 -3.35 -26.98 6.15
N GLU B 332 -2.65 -27.65 7.07
CA GLU B 332 -3.37 -28.49 8.02
C GLU B 332 -4.19 -27.59 8.95
N LEU B 333 -3.54 -26.56 9.48
CA LEU B 333 -4.21 -25.60 10.36
C LEU B 333 -5.35 -24.85 9.67
N TYR B 334 -5.28 -24.78 8.33
CA TYR B 334 -6.32 -24.17 7.48
C TYR B 334 -7.52 -25.10 7.41
N LYS B 335 -7.24 -26.38 7.17
CA LYS B 335 -8.30 -27.38 7.09
C LYS B 335 -9.03 -27.50 8.43
N LEU B 336 -8.27 -27.46 9.53
CA LEU B 336 -8.87 -27.53 10.86
C LEU B 336 -9.68 -26.28 11.17
N SER B 337 -9.31 -25.17 10.53
CA SER B 337 -10.02 -23.91 10.75
C SER B 337 -11.35 -23.90 10.01
N GLY B 338 -11.60 -24.94 9.23
CA GLY B 338 -12.80 -24.97 8.40
C GLY B 338 -12.53 -24.20 7.12
N ARG B 339 -11.27 -24.23 6.70
CA ARG B 339 -10.81 -23.47 5.54
C ARG B 339 -11.04 -21.97 5.73
N LYS B 340 -10.58 -21.43 6.86
CA LYS B 340 -10.66 -20.00 7.13
C LYS B 340 -9.29 -19.37 7.19
N SER B 341 -8.54 -19.73 8.23
CA SER B 341 -7.24 -19.13 8.49
C SER B 341 -6.19 -20.19 8.79
N GLY B 342 -5.19 -20.28 7.93
CA GLY B 342 -4.08 -21.20 8.12
C GLY B 342 -2.76 -20.52 8.41
N GLY B 343 -2.77 -19.21 8.60
CA GLY B 343 -1.54 -18.47 8.81
C GLY B 343 -0.92 -18.64 10.19
N VAL B 344 0.39 -18.84 10.24
CA VAL B 344 1.11 -18.85 11.53
C VAL B 344 2.26 -17.84 11.50
N CYS B 345 2.62 -17.31 12.67
CA CYS B 345 3.51 -16.16 12.74
C CYS B 345 4.93 -16.58 13.08
N LEU B 346 5.90 -15.84 12.55
CA LEU B 346 7.31 -16.17 12.73
C LEU B 346 8.05 -15.16 13.59
N ASN B 347 8.96 -15.66 14.44
CA ASN B 347 9.90 -14.87 15.25
C ASN B 347 9.16 -13.80 16.07
N CYS B 348 8.17 -14.21 16.84
CA CYS B 348 7.38 -13.23 17.59
C CYS B 348 8.30 -12.43 18.49
N ARG B 349 8.27 -11.12 18.34
CA ARG B 349 9.13 -10.26 19.11
C ARG B 349 8.40 -9.85 20.38
N HIS B 350 8.95 -8.89 21.11
CA HIS B 350 8.34 -8.37 22.34
C HIS B 350 8.03 -9.46 23.34
N ASN B 351 8.85 -10.51 23.33
CA ASN B 351 8.80 -11.57 24.32
C ASN B 351 7.57 -12.46 24.24
N THR B 352 6.68 -12.17 23.30
CA THR B 352 5.53 -13.05 23.12
C THR B 352 5.92 -14.28 22.31
N ALA B 353 5.00 -15.24 22.29
CA ALA B 353 5.15 -16.44 21.50
C ALA B 353 3.79 -17.08 21.28
N GLY B 354 3.68 -17.88 20.24
CA GLY B 354 2.45 -18.58 19.96
C GLY B 354 2.27 -18.68 18.47
N ARG B 355 1.12 -19.15 18.03
CA ARG B 355 0.80 -19.10 16.62
C ARG B 355 0.64 -17.64 16.18
N HIS B 356 -0.21 -16.93 16.90
CA HIS B 356 -0.51 -15.53 16.63
C HIS B 356 0.27 -14.55 17.49
N CYS B 357 1.21 -15.10 18.25
CA CYS B 357 1.94 -14.37 19.29
C CYS B 357 0.97 -13.95 20.38
N HIS B 358 0.06 -14.85 20.74
CA HIS B 358 -1.01 -14.50 21.67
C HIS B 358 -0.73 -14.84 23.12
N TYR B 359 0.40 -15.48 23.37
CA TYR B 359 0.78 -15.72 24.76
C TYR B 359 2.25 -15.44 24.98
N CYS B 360 2.73 -15.77 26.18
CA CYS B 360 4.04 -15.31 26.62
C CYS B 360 5.12 -16.38 26.53
N LYS B 361 6.34 -15.95 26.24
CA LYS B 361 7.47 -16.85 26.16
C LYS B 361 7.79 -17.40 27.55
N GLU B 362 8.47 -18.53 27.61
CA GLU B 362 8.89 -19.08 28.89
C GLU B 362 9.67 -18.05 29.67
N GLY B 363 9.29 -17.84 30.93
CA GLY B 363 9.99 -16.89 31.77
C GLY B 363 9.26 -15.58 31.90
N PHE B 364 8.10 -15.49 31.26
CA PHE B 364 7.28 -14.29 31.31
C PHE B 364 5.86 -14.65 31.71
N TYR B 365 5.02 -13.63 31.89
CA TYR B 365 3.62 -13.83 32.18
C TYR B 365 2.81 -12.62 31.68
N ARG B 366 1.50 -12.80 31.56
CA ARG B 366 0.66 -11.77 30.97
C ARG B 366 0.41 -10.61 31.93
N ASP B 367 0.77 -9.41 31.48
CA ASP B 367 0.46 -8.20 32.23
C ASP B 367 -0.89 -7.71 31.73
N LEU B 368 -1.91 -7.78 32.57
CA LEU B 368 -3.26 -7.55 32.06
C LEU B 368 -3.69 -6.09 32.17
N SER B 369 -2.82 -5.21 32.68
CA SER B 369 -3.07 -3.78 32.60
C SER B 369 -2.88 -3.35 31.15
N LYS B 370 -2.10 -4.15 30.43
CA LYS B 370 -1.75 -3.88 29.03
C LYS B 370 -2.48 -4.88 28.14
N PRO B 371 -3.12 -4.39 27.06
CA PRO B 371 -3.75 -5.27 26.08
C PRO B 371 -2.74 -6.18 25.38
N ILE B 372 -3.22 -7.29 24.83
CA ILE B 372 -2.35 -8.33 24.26
C ILE B 372 -1.40 -7.81 23.17
N SER B 373 -1.78 -6.71 22.54
CA SER B 373 -0.96 -6.16 21.47
C SER B 373 0.04 -5.14 21.96
N HIS B 374 0.04 -4.89 23.27
CA HIS B 374 0.96 -3.91 23.85
C HIS B 374 2.38 -4.47 23.87
N ARG B 375 3.38 -3.60 23.73
CA ARG B 375 4.79 -4.01 23.77
C ARG B 375 5.10 -4.73 25.07
N LYS B 376 4.48 -4.22 26.14
CA LYS B 376 4.67 -4.71 27.51
C LYS B 376 3.60 -5.76 27.91
N ALA B 377 2.80 -6.20 26.96
CA ALA B 377 1.75 -7.20 27.23
C ALA B 377 2.33 -8.40 27.96
N CYS B 378 3.55 -8.76 27.60
CA CYS B 378 4.29 -9.81 28.30
C CYS B 378 5.36 -9.21 29.22
N LYS B 379 5.18 -9.48 30.51
CA LYS B 379 6.01 -8.93 31.58
C LYS B 379 6.83 -10.06 32.18
N GLU B 380 8.11 -9.82 32.41
CA GLU B 380 8.95 -10.88 32.91
C GLU B 380 8.69 -11.12 34.38
N CYS B 381 8.58 -12.39 34.75
CA CYS B 381 8.41 -12.75 36.14
C CYS B 381 9.80 -12.88 36.73
N ASP B 382 10.12 -12.02 37.68
CA ASP B 382 11.44 -12.07 38.26
C ASP B 382 11.33 -12.96 39.46
N CYS B 383 11.87 -14.15 39.29
CA CYS B 383 11.79 -15.15 40.32
C CYS B 383 13.08 -15.02 41.10
N HIS B 384 12.92 -14.92 42.42
CA HIS B 384 14.07 -14.66 43.27
C HIS B 384 15.16 -15.69 43.03
N PRO B 385 16.39 -15.20 42.92
CA PRO B 385 17.55 -16.06 42.68
C PRO B 385 17.71 -17.10 43.78
N VAL B 386 17.56 -16.66 45.03
CA VAL B 386 17.72 -17.55 46.16
C VAL B 386 16.48 -18.40 46.43
N GLY B 387 15.31 -17.77 46.34
CA GLY B 387 14.09 -18.39 46.79
C GLY B 387 13.31 -19.24 45.80
N ALA B 388 13.64 -19.17 44.51
CA ALA B 388 12.86 -19.86 43.50
C ALA B 388 13.66 -20.98 42.84
N ALA B 389 12.95 -22.00 42.39
CA ALA B 389 13.58 -23.19 41.83
C ALA B 389 13.78 -23.11 40.32
N GLY B 390 13.42 -21.98 39.73
CA GLY B 390 13.56 -21.79 38.31
C GLY B 390 13.00 -20.45 37.90
N GLN B 391 13.33 -20.00 36.69
CA GLN B 391 12.85 -18.70 36.23
C GLN B 391 11.53 -18.77 35.45
N THR B 392 11.07 -19.98 35.13
CA THR B 392 9.85 -20.12 34.34
C THR B 392 8.64 -20.23 35.24
N CYS B 393 7.80 -19.20 35.19
CA CYS B 393 6.63 -19.10 36.06
C CYS B 393 5.37 -19.39 35.28
N ASN B 394 4.24 -19.34 35.98
CA ASN B 394 2.93 -19.52 35.36
C ASN B 394 2.48 -18.24 34.65
N GLN B 395 2.09 -18.36 33.38
CA GLN B 395 1.66 -17.22 32.56
C GLN B 395 0.47 -16.47 33.15
N THR B 396 -0.49 -17.22 33.70
CA THR B 396 -1.71 -16.61 34.21
C THR B 396 -1.51 -15.83 35.50
N THR B 397 -1.01 -16.50 36.53
CA THR B 397 -0.84 -15.92 37.87
C THR B 397 0.43 -15.09 38.02
N GLY B 398 1.51 -15.53 37.37
CA GLY B 398 2.80 -14.90 37.51
C GLY B 398 3.53 -15.49 38.71
N GLN B 399 2.96 -16.57 39.24
CA GLN B 399 3.50 -17.27 40.38
C GLN B 399 4.76 -18.01 39.98
N CYS B 400 5.84 -17.74 40.71
CA CYS B 400 7.12 -18.35 40.42
C CYS B 400 7.21 -19.73 41.06
N PRO B 401 8.06 -20.61 40.51
CA PRO B 401 8.22 -21.97 41.04
C PRO B 401 8.99 -21.95 42.35
N CYS B 402 8.28 -21.71 43.45
CA CYS B 402 8.91 -21.56 44.75
C CYS B 402 9.63 -22.83 45.23
N LYS B 403 10.62 -22.62 46.09
CA LYS B 403 11.41 -23.72 46.63
C LYS B 403 10.69 -24.39 47.80
N ASP B 404 11.38 -25.31 48.47
CA ASP B 404 10.73 -26.21 49.43
C ASP B 404 10.08 -25.51 50.63
N GLY B 405 10.78 -24.58 51.25
CA GLY B 405 10.19 -23.91 52.40
C GLY B 405 9.74 -22.49 52.15
N VAL B 406 9.75 -22.09 50.89
CA VAL B 406 9.45 -20.70 50.57
C VAL B 406 8.10 -20.53 49.89
N THR B 407 7.50 -19.36 50.11
CA THR B 407 6.28 -18.97 49.43
C THR B 407 6.37 -17.50 49.06
N GLY B 408 5.45 -17.04 48.23
CA GLY B 408 5.43 -15.66 47.80
C GLY B 408 5.09 -15.68 46.33
N ILE B 409 4.89 -14.52 45.74
CA ILE B 409 4.60 -14.48 44.32
C ILE B 409 5.93 -14.68 43.55
N THR B 410 6.97 -13.99 43.99
CA THR B 410 8.30 -14.09 43.41
C THR B 410 9.19 -15.06 44.19
N CYS B 411 8.61 -15.71 45.19
CA CYS B 411 9.35 -16.58 46.13
C CYS B 411 10.38 -15.77 46.90
N ASN B 412 9.98 -14.58 47.35
CA ASN B 412 10.88 -13.66 48.02
C ASN B 412 10.81 -13.74 49.54
N ARG B 413 10.05 -14.68 50.08
CA ARG B 413 9.96 -14.84 51.53
C ARG B 413 9.84 -16.32 51.94
N CYS B 414 10.05 -16.59 53.22
CA CYS B 414 9.88 -17.92 53.80
C CYS B 414 8.42 -18.13 54.19
N ALA B 415 7.93 -19.36 54.07
CA ALA B 415 6.55 -19.63 54.45
C ALA B 415 6.39 -19.55 55.97
N LYS B 416 5.16 -19.61 56.44
CA LYS B 416 4.89 -19.54 57.87
C LYS B 416 5.43 -20.80 58.55
N GLY B 417 5.98 -20.64 59.75
CA GLY B 417 6.58 -21.74 60.48
C GLY B 417 7.96 -22.07 59.93
N TYR B 418 8.47 -21.19 59.09
CA TYR B 418 9.80 -21.36 58.52
C TYR B 418 10.63 -20.11 58.72
N GLN B 419 11.94 -20.24 58.53
CA GLN B 419 12.85 -19.12 58.67
C GLN B 419 14.05 -19.34 57.77
N GLN B 420 14.75 -18.25 57.50
CA GLN B 420 15.83 -18.27 56.53
C GLN B 420 17.03 -19.03 57.07
N SER B 421 17.63 -19.84 56.20
CA SER B 421 18.88 -20.51 56.54
C SER B 421 20.05 -19.79 55.87
N ARG B 422 21.26 -20.25 56.15
CA ARG B 422 22.46 -19.63 55.59
C ARG B 422 22.90 -20.34 54.32
N SER B 423 22.13 -21.34 53.90
CA SER B 423 22.41 -22.04 52.67
C SER B 423 21.60 -21.48 51.51
N PRO B 424 22.27 -21.21 50.38
CA PRO B 424 21.58 -20.80 49.15
C PRO B 424 20.75 -21.93 48.55
N ILE B 425 21.22 -23.17 48.71
CA ILE B 425 20.55 -24.35 48.13
C ILE B 425 19.23 -24.69 48.84
N ALA B 426 19.22 -24.70 50.16
CA ALA B 426 18.00 -24.88 50.91
C ALA B 426 17.79 -23.66 51.80
N PRO B 427 17.30 -22.57 51.20
CA PRO B 427 17.21 -21.22 51.78
C PRO B 427 16.34 -21.13 53.02
N CYS B 428 15.30 -21.96 53.09
CA CYS B 428 14.40 -21.93 54.23
C CYS B 428 14.29 -23.27 54.95
N ILE B 429 14.30 -23.22 56.29
CA ILE B 429 14.11 -24.42 57.11
C ILE B 429 13.09 -24.20 58.22
N LYS B 430 12.88 -25.24 59.01
CA LYS B 430 11.82 -25.25 60.03
C LYS B 430 12.40 -24.97 61.41
N ILE B 431 11.65 -24.19 62.19
CA ILE B 431 12.03 -23.81 63.56
C ILE B 431 12.33 -25.04 64.43
N GLY C 1 37.47 11.32 -15.38
CA GLY C 1 38.03 12.53 -15.95
C GLY C 1 38.22 13.57 -14.86
N SER C 2 38.77 14.73 -15.22
CA SER C 2 38.95 15.81 -14.25
C SER C 2 38.64 17.18 -14.83
N ASP C 3 37.77 17.92 -14.14
CA ASP C 3 37.26 19.22 -14.56
C ASP C 3 37.31 20.22 -13.40
N GLU C 4 38.13 21.25 -13.52
CA GLU C 4 38.20 22.33 -12.52
C GLU C 4 37.43 23.61 -12.95
N THR C 5 36.72 23.56 -14.08
CA THR C 5 35.97 24.74 -14.54
C THR C 5 34.86 25.17 -13.57
N ARG C 6 34.38 24.24 -12.77
CA ARG C 6 33.25 24.52 -11.88
C ARG C 6 33.43 23.95 -10.48
N VAL C 7 32.58 24.43 -9.56
CA VAL C 7 32.51 23.94 -8.20
C VAL C 7 31.97 22.51 -8.23
N PRO C 8 32.50 21.63 -7.35
CA PRO C 8 32.05 20.25 -7.30
C PRO C 8 30.59 20.12 -6.90
N GLU C 9 29.97 19.01 -7.26
CA GLU C 9 28.58 18.77 -6.91
C GLU C 9 28.46 18.37 -5.45
N VAL C 10 27.26 18.02 -5.05
CA VAL C 10 27.01 17.63 -3.66
C VAL C 10 27.49 16.19 -3.48
N PRO C 11 28.02 15.90 -2.29
CA PRO C 11 28.50 14.56 -1.90
C PRO C 11 27.41 13.49 -2.02
N SER C 12 27.81 12.25 -2.27
CA SER C 12 26.85 11.17 -2.53
C SER C 12 26.10 10.74 -1.28
N SER C 13 26.80 10.71 -0.15
CA SER C 13 26.17 10.38 1.12
C SER C 13 26.90 11.04 2.27
N LEU C 14 26.12 11.36 3.30
CA LEU C 14 26.66 11.85 4.56
C LEU C 14 26.02 11.10 5.71
N HIS C 15 26.82 10.77 6.72
CA HIS C 15 26.34 10.00 7.86
C HIS C 15 27.04 10.49 9.14
N VAL C 16 26.29 10.56 10.23
CA VAL C 16 26.83 11.06 11.49
C VAL C 16 26.58 10.10 12.67
N ARG C 17 27.64 9.82 13.43
CA ARG C 17 27.54 9.01 14.64
C ARG C 17 27.94 9.80 15.88
N PRO C 18 26.94 10.18 16.68
CA PRO C 18 27.17 10.96 17.90
C PRO C 18 27.71 10.11 19.03
N LEU C 19 28.65 10.66 19.78
CA LEU C 19 29.23 10.00 20.96
C LEU C 19 29.14 10.99 22.11
N VAL C 20 29.79 10.68 23.23
CA VAL C 20 29.68 11.53 24.42
C VAL C 20 30.11 12.98 24.22
N THR C 21 31.40 13.23 24.10
CA THR C 21 31.90 14.57 23.77
C THR C 21 32.34 14.71 22.31
N SER C 22 32.16 13.65 21.52
CA SER C 22 32.63 13.65 20.14
C SER C 22 31.61 13.20 19.11
N ILE C 23 31.88 13.50 17.84
CA ILE C 23 30.98 13.11 16.76
C ILE C 23 31.74 12.61 15.53
N VAL C 24 31.44 11.39 15.08
CA VAL C 24 32.15 10.84 13.94
C VAL C 24 31.37 11.04 12.66
N VAL C 25 31.92 11.86 11.78
CA VAL C 25 31.30 12.16 10.51
C VAL C 25 31.94 11.35 9.38
N SER C 26 31.12 10.62 8.63
CA SER C 26 31.60 9.83 7.52
C SER C 26 30.83 10.14 6.25
N TRP C 27 31.50 10.10 5.10
CA TRP C 27 30.85 10.47 3.84
C TRP C 27 31.39 9.78 2.60
N THR C 28 30.77 10.08 1.45
CA THR C 28 31.23 9.56 0.15
C THR C 28 31.24 10.68 -0.89
N PRO C 29 32.21 10.65 -1.82
CA PRO C 29 32.44 11.67 -2.85
C PRO C 29 31.25 11.89 -3.76
N PRO C 30 31.15 13.06 -4.41
CA PRO C 30 30.10 13.38 -5.37
C PRO C 30 30.00 12.38 -6.51
N GLU C 31 28.81 12.22 -7.09
CA GLU C 31 28.57 11.18 -8.10
C GLU C 31 29.45 11.36 -9.33
N ASN C 32 29.34 12.52 -9.98
CA ASN C 32 30.15 12.77 -11.17
C ASN C 32 31.60 12.99 -10.76
N GLN C 33 32.48 12.16 -11.30
CA GLN C 33 33.87 12.20 -10.89
C GLN C 33 34.67 13.06 -11.85
N ASN C 34 33.99 13.57 -12.86
CA ASN C 34 34.65 14.46 -13.80
C ASN C 34 34.99 15.79 -13.10
N ILE C 35 34.23 16.15 -12.07
CA ILE C 35 34.51 17.39 -11.37
C ILE C 35 35.54 17.19 -10.26
N VAL C 36 36.65 17.93 -10.36
CA VAL C 36 37.73 17.77 -9.41
C VAL C 36 37.33 18.23 -8.03
N VAL C 37 37.58 17.38 -7.04
CA VAL C 37 37.37 17.77 -5.66
C VAL C 37 38.74 17.77 -4.97
N ARG C 38 39.14 18.94 -4.48
CA ARG C 38 40.41 19.11 -3.76
C ARG C 38 40.27 18.62 -2.32
N GLY C 39 39.11 18.86 -1.72
CA GLY C 39 38.90 18.46 -0.35
C GLY C 39 37.47 18.49 0.11
N TYR C 40 37.29 18.39 1.43
CA TYR C 40 35.98 18.44 2.04
C TYR C 40 35.99 19.43 3.19
N ALA C 41 34.97 20.29 3.22
CA ALA C 41 34.81 21.21 4.33
C ALA C 41 33.63 20.78 5.19
N ILE C 42 33.88 20.62 6.48
CA ILE C 42 32.86 20.20 7.44
C ILE C 42 32.54 21.31 8.41
N GLY C 43 31.37 21.91 8.27
CA GLY C 43 30.89 22.89 9.23
C GLY C 43 30.13 22.18 10.33
N TYR C 44 30.21 22.72 11.55
CA TYR C 44 29.45 22.16 12.65
C TYR C 44 29.15 23.18 13.73
N GLY C 45 28.06 22.95 14.46
CA GLY C 45 27.72 23.84 15.56
C GLY C 45 26.55 23.37 16.38
N ILE C 46 26.21 24.13 17.43
CA ILE C 46 25.04 23.77 18.21
C ILE C 46 23.82 24.53 17.72
N GLY C 47 22.86 23.78 17.16
CA GLY C 47 21.66 24.41 16.64
C GLY C 47 21.82 24.85 15.21
N SER C 48 23.06 24.94 14.74
CA SER C 48 23.36 25.42 13.40
C SER C 48 24.85 25.30 13.15
N PRO C 49 25.23 24.89 11.92
CA PRO C 49 26.64 24.58 11.69
C PRO C 49 27.47 25.79 11.27
N HIS C 50 27.33 26.90 11.97
CA HIS C 50 28.14 28.08 11.69
C HIS C 50 29.24 28.31 12.71
N ALA C 51 29.29 27.45 13.73
CA ALA C 51 30.25 27.62 14.81
C ALA C 51 31.67 27.44 14.34
N GLN C 52 31.96 26.31 13.71
CA GLN C 52 33.34 26.06 13.27
C GLN C 52 33.40 25.23 11.99
N THR C 53 34.37 25.54 11.14
CA THR C 53 34.54 24.79 9.90
C THR C 53 35.92 24.16 9.86
N ILE C 54 35.96 22.89 9.47
CA ILE C 54 37.20 22.14 9.41
C ILE C 54 37.40 21.56 8.02
N LYS C 55 38.54 21.85 7.40
CA LYS C 55 38.83 21.36 6.07
C LYS C 55 39.78 20.14 6.10
N VAL C 56 39.50 19.18 5.23
CA VAL C 56 40.34 18.01 5.05
C VAL C 56 40.54 17.79 3.55
N ASP C 57 41.48 16.93 3.17
CA ASP C 57 41.79 16.73 1.75
C ASP C 57 40.79 15.77 1.11
N TYR C 58 40.97 15.52 -0.18
CA TYR C 58 40.00 14.74 -0.94
C TYR C 58 40.01 13.25 -0.61
N LYS C 59 40.98 12.82 0.18
CA LYS C 59 41.15 11.40 0.46
C LYS C 59 40.39 10.96 1.70
N GLN C 60 39.84 11.89 2.45
CA GLN C 60 39.23 11.54 3.74
C GLN C 60 37.79 11.11 3.54
N ARG C 61 37.45 9.91 4.01
CA ARG C 61 36.06 9.48 4.05
C ARG C 61 35.42 9.61 5.43
N TYR C 62 36.21 10.02 6.41
CA TYR C 62 35.68 10.25 7.76
C TYR C 62 36.55 11.19 8.59
N TYR C 63 35.94 11.79 9.60
CA TYR C 63 36.60 12.71 10.51
C TYR C 63 35.91 12.66 11.86
N THR C 64 36.65 12.85 12.95
CA THR C 64 36.03 12.85 14.26
C THR C 64 36.10 14.24 14.87
N ILE C 65 34.95 14.90 14.95
CA ILE C 65 34.86 16.19 15.58
C ILE C 65 35.00 16.00 17.08
N GLU C 66 35.94 16.73 17.66
CA GLU C 66 36.26 16.58 19.07
C GLU C 66 35.88 17.81 19.89
N ASN C 67 36.09 17.73 21.19
CA ASN C 67 35.86 18.85 22.11
C ASN C 67 34.47 19.48 21.94
N LEU C 68 33.44 18.63 21.95
CA LEU C 68 32.08 19.12 21.82
C LEU C 68 31.38 19.03 23.18
N ASP C 69 30.46 19.95 23.43
CA ASP C 69 29.70 19.94 24.68
C ASP C 69 28.81 18.70 24.72
N PRO C 70 28.63 18.10 25.91
CA PRO C 70 27.85 16.89 26.13
C PRO C 70 26.35 17.16 26.14
N SER C 71 25.54 16.14 25.84
CA SER C 71 24.08 16.29 25.80
C SER C 71 23.64 17.53 25.03
N SER C 72 24.19 17.68 23.83
CA SER C 72 23.95 18.87 23.01
C SER C 72 23.55 18.49 21.58
N HIS C 73 22.81 19.38 20.93
CA HIS C 73 22.34 19.12 19.58
C HIS C 73 23.21 19.81 18.54
N TYR C 74 23.88 19.00 17.74
CA TYR C 74 24.80 19.54 16.76
C TYR C 74 24.23 19.41 15.34
N VAL C 75 24.32 20.50 14.59
CA VAL C 75 24.03 20.48 13.18
C VAL C 75 25.36 20.44 12.45
N ILE C 76 25.42 19.57 11.45
CA ILE C 76 26.65 19.30 10.72
C ILE C 76 26.42 19.39 9.23
N THR C 77 27.27 20.15 8.56
CA THR C 77 27.19 20.28 7.12
C THR C 77 28.47 19.79 6.47
N LEU C 78 28.32 19.04 5.39
CA LEU C 78 29.48 18.45 4.70
C LEU C 78 29.50 18.88 3.23
N LYS C 79 30.57 19.56 2.82
CA LYS C 79 30.74 20.02 1.44
C LYS C 79 32.04 19.49 0.81
N ALA C 80 32.08 19.47 -0.51
CA ALA C 80 33.31 19.19 -1.23
C ALA C 80 33.74 20.46 -1.95
N PHE C 81 35.05 20.66 -2.11
CA PHE C 81 35.53 21.90 -2.71
C PHE C 81 36.78 21.71 -3.56
N ASN C 82 36.94 22.61 -4.53
CA ASN C 82 38.14 22.72 -5.34
C ASN C 82 38.47 24.19 -5.48
N ASN C 83 39.42 24.53 -6.33
CA ASN C 83 39.90 25.92 -6.40
C ASN C 83 38.85 26.93 -6.86
N VAL C 84 37.72 26.43 -7.37
CA VAL C 84 36.62 27.32 -7.71
C VAL C 84 35.93 27.81 -6.45
N GLY C 85 35.65 26.87 -5.55
CA GLY C 85 34.97 27.21 -4.30
C GLY C 85 34.32 26.01 -3.65
N GLU C 86 33.30 26.27 -2.82
CA GLU C 86 32.64 25.20 -2.09
C GLU C 86 31.34 24.82 -2.79
N GLY C 87 30.99 23.54 -2.72
CA GLY C 87 29.79 23.03 -3.38
C GLY C 87 28.55 23.02 -2.51
N ILE C 88 27.49 22.42 -3.02
CA ILE C 88 26.23 22.33 -2.28
C ILE C 88 26.36 21.31 -1.14
N PRO C 89 26.00 21.74 0.08
CA PRO C 89 26.17 20.95 1.30
C PRO C 89 25.13 19.86 1.51
N LEU C 90 25.50 18.87 2.28
CA LEU C 90 24.54 17.95 2.87
C LEU C 90 24.43 18.34 4.32
N TYR C 91 23.26 18.18 4.89
CA TYR C 91 23.04 18.48 6.29
C TYR C 91 22.71 17.19 7.02
N GLU C 92 23.17 17.07 8.25
CA GLU C 92 22.62 16.05 9.14
C GLU C 92 22.81 16.58 10.55
N SER C 93 21.92 16.21 11.45
CA SER C 93 22.04 16.67 12.83
C SER C 93 22.11 15.47 13.74
N ALA C 94 22.86 15.59 14.83
CA ALA C 94 22.96 14.50 15.78
C ALA C 94 23.07 15.05 17.19
N VAL C 95 22.74 14.23 18.18
CA VAL C 95 22.84 14.70 19.56
C VAL C 95 23.83 13.86 20.33
N THR C 96 24.79 14.56 20.93
CA THR C 96 25.76 13.92 21.81
C THR C 96 25.03 13.34 23.00
N ARG C 97 25.42 12.15 23.41
CA ARG C 97 24.73 11.47 24.49
C ARG C 97 25.72 10.70 25.35
N PRO C 98 25.41 10.56 26.65
CA PRO C 98 26.22 9.72 27.53
C PRO C 98 26.26 8.30 27.04
N HIS C 99 27.45 7.70 27.04
CA HIS C 99 27.58 6.31 26.66
C HIS C 99 26.79 5.45 27.63
N THR C 100 26.18 4.39 27.14
CA THR C 100 25.45 3.48 28.00
C THR C 100 26.29 2.25 28.28
N VAL C 101 26.80 2.16 29.50
CA VAL C 101 27.62 1.04 29.92
C VAL C 101 26.78 -0.19 30.19
N PRO C 102 27.12 -1.31 29.52
CA PRO C 102 26.35 -2.55 29.68
C PRO C 102 26.29 -2.92 31.17
N ASP C 103 25.18 -3.49 31.62
CA ASP C 103 25.02 -3.74 33.04
C ASP C 103 25.92 -4.90 33.44
N PRO C 104 26.59 -4.79 34.60
CA PRO C 104 27.45 -5.85 35.11
C PRO C 104 26.61 -7.02 35.61
N THR C 105 27.17 -8.23 35.57
CA THR C 105 26.46 -9.39 36.05
C THR C 105 26.14 -9.18 37.52
N PRO C 106 24.91 -9.50 37.92
CA PRO C 106 24.46 -9.24 39.29
C PRO C 106 25.12 -10.16 40.31
N MET C 107 25.39 -9.62 41.49
CA MET C 107 25.87 -10.41 42.61
C MET C 107 24.73 -11.22 43.20
N MET C 108 25.07 -12.20 44.03
CA MET C 108 24.02 -12.97 44.70
C MET C 108 23.66 -12.26 45.98
N PRO C 109 22.36 -12.08 46.21
CA PRO C 109 21.89 -11.33 47.37
C PRO C 109 22.28 -12.01 48.68
N PRO C 110 22.33 -11.25 49.77
CA PRO C 110 22.59 -11.81 51.09
C PRO C 110 21.58 -12.89 51.43
N VAL C 111 21.95 -13.81 52.30
CA VAL C 111 21.09 -14.89 52.70
C VAL C 111 21.04 -14.97 54.22
N GLY C 112 20.06 -15.68 54.77
CA GLY C 112 20.00 -15.89 56.21
C GLY C 112 19.70 -14.64 57.01
N VAL C 113 18.88 -13.76 56.44
CA VAL C 113 18.47 -12.57 57.15
C VAL C 113 17.55 -12.95 58.29
N GLN C 114 17.86 -12.48 59.48
CA GLN C 114 17.09 -12.82 60.68
C GLN C 114 16.87 -11.57 61.51
N ALA C 115 15.69 -11.47 62.11
CA ALA C 115 15.37 -10.34 62.96
C ALA C 115 15.25 -10.77 64.42
N SER C 116 16.05 -10.11 65.27
CA SER C 116 16.02 -10.31 66.71
C SER C 116 15.39 -9.07 67.34
N ILE C 117 14.33 -9.27 68.11
CA ILE C 117 13.57 -8.15 68.66
C ILE C 117 14.05 -7.78 70.06
N LEU C 118 14.67 -6.61 70.19
CA LEU C 118 15.17 -6.13 71.49
C LEU C 118 14.06 -5.43 72.26
N SER C 119 13.51 -4.37 71.67
CA SER C 119 12.55 -3.56 72.39
C SER C 119 11.36 -3.16 71.51
N HIS C 120 10.51 -2.30 72.05
CA HIS C 120 9.42 -1.70 71.27
C HIS C 120 10.03 -0.74 70.26
N ASP C 121 11.15 -0.14 70.65
CA ASP C 121 11.82 0.83 69.80
C ASP C 121 12.57 0.15 68.66
N THR C 122 13.44 -0.81 68.98
CA THR C 122 14.42 -1.27 67.98
C THR C 122 14.38 -2.77 67.68
N ILE C 123 14.76 -3.10 66.45
CA ILE C 123 14.94 -4.49 66.03
C ILE C 123 16.30 -4.64 65.35
N ARG C 124 17.05 -5.68 65.72
CA ARG C 124 18.39 -5.89 65.19
C ARG C 124 18.34 -7.00 64.18
N ILE C 125 18.80 -6.74 62.96
CA ILE C 125 18.81 -7.82 61.99
C ILE C 125 20.23 -8.16 61.54
N THR C 126 20.42 -9.45 61.26
CA THR C 126 21.72 -9.95 60.88
C THR C 126 21.60 -10.82 59.64
N TRP C 127 22.70 -11.03 58.93
CA TRP C 127 22.68 -11.85 57.74
C TRP C 127 24.03 -12.47 57.48
N ALA C 128 24.12 -13.16 56.35
CA ALA C 128 25.35 -13.81 55.95
C ALA C 128 25.62 -13.53 54.47
N ASP C 129 26.87 -13.69 54.07
CA ASP C 129 27.27 -13.48 52.69
C ASP C 129 28.09 -14.65 52.20
N ASN C 130 27.59 -15.34 51.17
CA ASN C 130 28.29 -16.50 50.64
C ASN C 130 29.39 -16.08 49.68
N SER C 131 29.51 -14.77 49.47
CA SER C 131 30.60 -14.22 48.68
C SER C 131 31.77 -13.95 49.61
N LEU C 132 31.61 -14.30 50.89
CA LEU C 132 32.66 -14.11 51.89
C LEU C 132 33.15 -15.43 52.46
N PRO C 133 34.44 -15.50 52.81
CA PRO C 133 34.97 -16.66 53.54
C PRO C 133 34.22 -16.88 54.84
N LYS C 134 34.20 -18.11 55.33
CA LYS C 134 33.29 -18.49 56.42
C LYS C 134 33.50 -17.71 57.72
N HIS C 135 34.65 -17.04 57.85
CA HIS C 135 34.93 -16.22 59.03
C HIS C 135 34.20 -14.90 58.93
N GLN C 136 33.73 -14.59 57.72
CA GLN C 136 32.85 -13.46 57.47
C GLN C 136 33.44 -12.10 57.87
N LYS C 137 34.67 -11.83 57.43
CA LYS C 137 35.26 -10.50 57.63
C LYS C 137 35.53 -9.83 56.28
N ILE C 138 35.39 -8.50 56.25
CA ILE C 138 35.42 -7.76 54.99
C ILE C 138 36.82 -7.22 54.67
N THR C 139 37.19 -7.34 53.40
CA THR C 139 38.49 -6.88 52.90
C THR C 139 38.28 -5.87 51.78
N ASP C 140 37.80 -6.34 50.63
CA ASP C 140 37.41 -5.48 49.50
C ASP C 140 36.27 -4.57 49.92
N SER C 141 36.05 -3.47 49.21
CA SER C 141 35.10 -2.52 49.76
C SER C 141 33.67 -2.92 49.39
N ARG C 142 32.92 -3.28 50.42
CA ARG C 142 31.55 -3.72 50.26
C ARG C 142 30.70 -2.81 51.08
N TYR C 143 29.43 -2.73 50.73
CA TYR C 143 28.47 -2.19 51.68
C TYR C 143 27.13 -2.83 51.47
N TYR C 144 26.46 -3.03 52.59
CA TYR C 144 25.16 -3.67 52.55
C TYR C 144 24.12 -2.59 52.79
N THR C 145 23.08 -2.58 51.95
CA THR C 145 22.00 -1.67 52.19
C THR C 145 20.83 -2.44 52.78
N VAL C 146 20.30 -1.95 53.90
CA VAL C 146 19.19 -2.60 54.58
C VAL C 146 17.95 -1.73 54.53
N ARG C 147 16.86 -2.29 54.00
CA ARG C 147 15.59 -1.60 53.91
C ARG C 147 14.51 -2.28 54.76
N TRP C 148 13.64 -1.46 55.33
CA TRP C 148 12.50 -1.97 56.06
C TRP C 148 11.26 -1.11 55.78
N LYS C 149 10.10 -1.75 55.82
CA LYS C 149 8.83 -1.04 55.69
C LYS C 149 7.76 -1.73 56.53
N THR C 150 6.66 -1.04 56.77
CA THR C 150 5.55 -1.63 57.49
C THR C 150 4.77 -2.57 56.57
N ASN C 151 4.47 -3.77 57.07
CA ASN C 151 3.77 -4.78 56.28
C ASN C 151 2.32 -4.39 56.04
N ILE C 152 1.77 -3.56 56.92
CA ILE C 152 0.41 -3.06 56.77
C ILE C 152 0.40 -1.54 56.54
N PRO C 153 -0.10 -1.11 55.37
CA PRO C 153 -0.71 -1.93 54.30
C PRO C 153 0.31 -2.54 53.35
N ALA C 154 -0.17 -3.15 52.27
CA ALA C 154 0.66 -3.83 51.28
C ALA C 154 1.76 -2.91 50.74
N ASN C 155 1.56 -1.61 50.90
CA ASN C 155 2.54 -0.62 50.50
C ASN C 155 2.91 0.30 51.66
N THR C 156 4.20 0.61 51.73
CA THR C 156 4.70 1.72 52.53
C THR C 156 6.04 2.09 51.91
N LYS C 157 6.41 3.37 51.95
CA LYS C 157 7.71 3.75 51.40
C LYS C 157 8.83 3.18 52.27
N TYR C 158 9.80 2.53 51.64
CA TYR C 158 10.86 1.86 52.39
C TYR C 158 11.78 2.88 53.04
N LYS C 159 12.30 2.54 54.22
CA LYS C 159 13.39 3.32 54.80
C LYS C 159 14.63 2.47 54.77
N ASN C 160 15.76 3.03 54.35
CA ASN C 160 16.97 2.23 54.29
C ASN C 160 18.21 2.92 54.86
N ALA C 161 19.13 2.11 55.36
CA ALA C 161 20.40 2.60 55.89
C ALA C 161 21.50 1.62 55.50
N GLN C 162 22.76 2.02 55.61
CA GLN C 162 23.84 1.15 55.16
C GLN C 162 24.63 0.51 56.29
N ALA C 163 25.48 -0.46 55.93
CA ALA C 163 26.33 -1.14 56.91
C ALA C 163 27.63 -1.65 56.29
N THR C 164 28.72 -1.52 57.03
CA THR C 164 30.00 -2.05 56.62
C THR C 164 30.22 -3.37 57.32
N THR C 165 29.19 -3.80 58.06
CA THR C 165 29.26 -5.04 58.79
C THR C 165 28.01 -5.89 58.50
N LEU C 166 28.03 -7.15 58.93
CA LEU C 166 26.98 -8.11 58.62
C LEU C 166 25.84 -8.06 59.64
N SER C 167 25.87 -7.05 60.51
CA SER C 167 24.75 -6.81 61.42
C SER C 167 24.31 -5.35 61.33
N TYR C 168 23.03 -5.08 61.60
CA TYR C 168 22.56 -3.70 61.67
C TYR C 168 21.38 -3.51 62.63
N LEU C 169 21.36 -2.33 63.25
CA LEU C 169 20.32 -1.99 64.23
C LEU C 169 19.29 -1.02 63.68
N VAL C 170 18.07 -1.52 63.50
CA VAL C 170 16.95 -0.69 63.08
C VAL C 170 16.39 -0.02 64.32
N THR C 171 16.36 1.31 64.31
CA THR C 171 16.09 2.07 65.52
C THR C 171 14.70 2.68 65.62
N GLY C 172 14.43 3.78 64.93
CA GLY C 172 13.10 4.39 65.03
C GLY C 172 12.02 3.52 64.42
N LEU C 173 11.09 3.05 65.25
CA LEU C 173 10.03 2.16 64.78
C LEU C 173 8.73 2.37 65.54
N LYS C 174 7.63 1.89 64.98
CA LYS C 174 6.33 1.96 65.64
C LYS C 174 6.14 0.74 66.55
N PRO C 175 5.71 0.98 67.80
CA PRO C 175 5.42 -0.10 68.75
C PRO C 175 4.31 -1.01 68.27
N ASN C 176 4.42 -2.31 68.55
CA ASN C 176 3.41 -3.28 68.17
C ASN C 176 3.01 -3.23 66.68
N THR C 177 4.01 -3.27 65.80
CA THR C 177 3.75 -3.28 64.36
C THR C 177 4.65 -4.30 63.65
N LEU C 178 4.06 -5.11 62.77
CA LEU C 178 4.83 -6.08 62.02
C LEU C 178 5.64 -5.37 60.94
N TYR C 179 6.92 -5.73 60.85
CA TYR C 179 7.82 -5.07 59.91
C TYR C 179 8.46 -6.06 58.95
N GLU C 180 8.66 -5.58 57.73
CA GLU C 180 9.27 -6.35 56.66
C GLU C 180 10.68 -5.82 56.40
N PHE C 181 11.67 -6.70 56.53
CA PHE C 181 13.08 -6.37 56.40
C PHE C 181 13.72 -7.04 55.20
N SER C 182 14.77 -6.43 54.66
CA SER C 182 15.54 -7.07 53.60
C SER C 182 16.83 -6.31 53.33
N VAL C 183 17.80 -6.98 52.70
CA VAL C 183 19.12 -6.38 52.54
C VAL C 183 19.79 -6.80 51.22
N MET C 184 20.54 -5.89 50.62
CA MET C 184 21.29 -6.22 49.42
C MET C 184 22.77 -5.90 49.60
N VAL C 185 23.62 -6.59 48.85
CA VAL C 185 25.05 -6.30 48.88
C VAL C 185 25.47 -5.55 47.62
N THR C 186 26.33 -4.56 47.79
CA THR C 186 26.93 -3.92 46.62
C THR C 186 28.45 -3.79 46.82
N LYS C 187 29.20 -4.22 45.80
CA LYS C 187 30.66 -4.22 45.82
C LYS C 187 31.21 -3.62 44.55
N GLY C 188 31.89 -2.48 44.66
CA GLY C 188 32.40 -1.78 43.49
C GLY C 188 31.26 -1.31 42.61
N ARG C 189 31.27 -1.67 41.33
CA ARG C 189 30.18 -1.29 40.42
C ARG C 189 29.08 -2.34 40.32
N ARG C 190 29.31 -3.51 40.91
CA ARG C 190 28.33 -4.60 40.89
C ARG C 190 27.46 -4.57 42.14
N SER C 191 26.21 -4.94 41.96
CA SER C 191 25.30 -5.00 43.09
C SER C 191 24.48 -6.27 42.98
N SER C 192 23.67 -6.52 43.99
CA SER C 192 22.78 -7.67 44.01
C SER C 192 21.36 -7.18 44.23
N THR C 193 20.39 -8.02 43.90
CA THR C 193 18.99 -7.68 44.14
C THR C 193 18.72 -7.77 45.63
N TRP C 194 17.50 -7.46 46.05
CA TRP C 194 17.18 -7.52 47.47
C TRP C 194 16.96 -8.97 47.89
N SER C 195 17.39 -9.29 49.10
CA SER C 195 17.35 -10.64 49.62
C SER C 195 15.94 -11.08 49.92
N MET C 196 15.79 -12.31 50.39
CA MET C 196 14.49 -12.75 50.83
C MET C 196 14.09 -11.90 52.03
N THR C 197 12.81 -11.58 52.13
CA THR C 197 12.34 -10.69 53.19
C THR C 197 12.15 -11.43 54.50
N ALA C 198 12.62 -10.82 55.58
CA ALA C 198 12.44 -11.38 56.90
C ALA C 198 11.51 -10.48 57.69
N HIS C 199 10.61 -11.08 58.47
CA HIS C 199 9.63 -10.29 59.20
C HIS C 199 9.92 -10.27 60.70
N GLY C 200 9.55 -9.17 61.36
CA GLY C 200 9.59 -9.14 62.80
C GLY C 200 8.78 -8.00 63.39
N ALA C 201 8.29 -8.21 64.61
CA ALA C 201 7.37 -7.26 65.24
C ALA C 201 7.92 -6.71 66.56
N THR C 202 7.69 -5.42 66.80
CA THR C 202 8.26 -4.75 67.98
C THR C 202 7.55 -5.20 69.27
N ALA C 203 8.09 -4.77 70.41
CA ALA C 203 7.71 -5.29 71.72
C ALA C 203 6.42 -4.75 72.33
N SER C 204 5.76 -3.82 71.63
CA SER C 204 4.47 -3.28 72.05
C SER C 204 4.57 -2.40 73.31
N GLY C 205 5.76 -2.27 73.87
CA GLY C 205 5.97 -1.40 75.01
C GLY C 205 5.82 0.06 74.65
N GLY D 1 -8.07 25.36 -33.74
CA GLY D 1 -7.75 25.25 -35.14
C GLY D 1 -8.34 24.02 -35.79
N SER D 2 -8.10 23.87 -37.09
CA SER D 2 -8.55 22.70 -37.83
C SER D 2 -7.45 22.26 -38.78
N ASP D 3 -7.07 20.99 -38.67
CA ASP D 3 -5.93 20.44 -39.38
C ASP D 3 -6.22 19.10 -40.07
N GLU D 4 -6.17 19.10 -41.40
CA GLU D 4 -6.32 17.88 -42.20
C GLU D 4 -4.97 17.34 -42.70
N THR D 5 -3.85 17.92 -42.27
CA THR D 5 -2.54 17.41 -42.73
C THR D 5 -2.27 15.97 -42.29
N ARG D 6 -2.91 15.53 -41.22
CA ARG D 6 -2.64 14.20 -40.65
C ARG D 6 -3.91 13.46 -40.20
N VAL D 7 -3.75 12.16 -39.92
CA VAL D 7 -4.82 11.35 -39.35
C VAL D 7 -5.14 11.76 -37.93
N PRO D 8 -6.43 11.67 -37.56
CA PRO D 8 -6.83 12.00 -36.18
C PRO D 8 -6.20 11.06 -35.17
N GLU D 9 -6.08 11.53 -33.95
CA GLU D 9 -5.51 10.71 -32.89
C GLU D 9 -6.53 9.67 -32.42
N VAL D 10 -6.19 8.98 -31.34
CA VAL D 10 -7.07 7.97 -30.79
C VAL D 10 -8.18 8.65 -29.98
N PRO D 11 -9.38 8.07 -29.98
CA PRO D 11 -10.53 8.54 -29.21
C PRO D 11 -10.27 8.56 -27.71
N SER D 12 -10.94 9.46 -26.98
CA SER D 12 -10.66 9.65 -25.56
C SER D 12 -11.16 8.51 -24.67
N SER D 13 -12.34 7.98 -24.98
CA SER D 13 -12.88 6.86 -24.23
C SER D 13 -13.78 5.99 -25.08
N LEU D 14 -13.77 4.70 -24.79
CA LEU D 14 -14.66 3.74 -25.43
C LEU D 14 -15.30 2.82 -24.40
N HIS D 15 -16.60 2.56 -24.58
CA HIS D 15 -17.36 1.73 -23.65
C HIS D 15 -18.40 0.89 -24.41
N VAL D 16 -18.58 -0.37 -24.01
CA VAL D 16 -19.53 -1.25 -24.68
C VAL D 16 -20.51 -1.85 -23.68
N ARG D 17 -21.81 -1.82 -24.01
CA ARG D 17 -22.78 -2.44 -23.14
C ARG D 17 -23.37 -3.60 -23.93
N PRO D 18 -23.03 -4.83 -23.54
CA PRO D 18 -23.56 -6.00 -24.24
C PRO D 18 -25.01 -6.26 -23.85
N LEU D 19 -25.81 -6.71 -24.80
CA LEU D 19 -27.19 -7.04 -24.57
C LEU D 19 -27.45 -8.37 -25.23
N VAL D 20 -28.70 -8.80 -25.35
CA VAL D 20 -28.96 -10.15 -25.80
C VAL D 20 -28.56 -10.51 -27.21
N THR D 21 -28.84 -9.66 -28.19
CA THR D 21 -28.38 -9.89 -29.53
C THR D 21 -27.88 -8.63 -30.12
N SER D 22 -27.59 -7.65 -29.29
CA SER D 22 -27.03 -6.42 -29.78
C SER D 22 -26.10 -5.84 -28.79
N ILE D 23 -25.35 -4.86 -29.25
CA ILE D 23 -24.29 -4.29 -28.42
C ILE D 23 -24.25 -2.78 -28.56
N VAL D 24 -24.34 -2.05 -27.46
CA VAL D 24 -24.35 -0.59 -27.54
C VAL D 24 -22.95 0.01 -27.30
N VAL D 25 -22.42 0.63 -28.34
CA VAL D 25 -21.10 1.23 -28.32
C VAL D 25 -21.20 2.74 -28.08
N SER D 26 -20.52 3.22 -27.05
CA SER D 26 -20.51 4.65 -26.75
C SER D 26 -19.09 5.17 -26.60
N TRP D 27 -18.82 6.39 -27.05
CA TRP D 27 -17.46 6.91 -27.01
C TRP D 27 -17.34 8.41 -26.88
N THR D 28 -16.09 8.88 -26.81
CA THR D 28 -15.83 10.32 -26.79
C THR D 28 -14.69 10.66 -27.74
N PRO D 29 -14.79 11.81 -28.42
CA PRO D 29 -13.82 12.26 -29.43
C PRO D 29 -12.41 12.36 -28.89
N PRO D 30 -11.40 12.26 -29.77
CA PRO D 30 -9.98 12.40 -29.42
C PRO D 30 -9.68 13.74 -28.75
N GLU D 31 -8.63 13.79 -27.92
CA GLU D 31 -8.36 14.96 -27.09
C GLU D 31 -8.09 16.23 -27.89
N ASN D 32 -7.08 16.19 -28.74
CA ASN D 32 -6.74 17.36 -29.54
C ASN D 32 -7.80 17.64 -30.60
N GLN D 33 -8.36 18.82 -30.55
CA GLN D 33 -9.47 19.15 -31.45
C GLN D 33 -8.94 19.87 -32.68
N ASN D 34 -7.65 20.15 -32.70
CA ASN D 34 -7.04 20.80 -33.86
C ASN D 34 -7.06 19.87 -35.06
N ILE D 35 -7.05 18.56 -34.80
CA ILE D 35 -7.15 17.59 -35.89
C ILE D 35 -8.60 17.34 -36.20
N VAL D 36 -8.99 17.66 -37.43
CA VAL D 36 -10.37 17.54 -37.86
C VAL D 36 -10.79 16.08 -37.96
N VAL D 37 -11.97 15.78 -37.45
CA VAL D 37 -12.54 14.44 -37.54
C VAL D 37 -13.77 14.42 -38.44
N ARG D 38 -13.71 13.68 -39.54
CA ARG D 38 -14.88 13.55 -40.41
C ARG D 38 -15.88 12.57 -39.83
N GLY D 39 -15.39 11.48 -39.24
CA GLY D 39 -16.29 10.49 -38.69
C GLY D 39 -15.64 9.48 -37.76
N TYR D 40 -16.38 8.43 -37.47
CA TYR D 40 -15.90 7.34 -36.64
C TYR D 40 -16.20 6.02 -37.32
N ALA D 41 -15.21 5.13 -37.36
CA ALA D 41 -15.38 3.80 -37.91
C ALA D 41 -15.37 2.78 -36.79
N ILE D 42 -16.39 1.93 -36.76
CA ILE D 42 -16.54 0.88 -35.75
C ILE D 42 -16.41 -0.50 -36.37
N GLY D 43 -15.30 -1.17 -36.12
CA GLY D 43 -15.15 -2.55 -36.53
C GLY D 43 -15.67 -3.45 -35.44
N TYR D 44 -16.22 -4.60 -35.81
CA TYR D 44 -16.68 -5.55 -34.82
C TYR D 44 -16.69 -6.96 -35.36
N GLY D 45 -16.56 -7.93 -34.46
CA GLY D 45 -16.64 -9.33 -34.87
C GLY D 45 -16.62 -10.32 -33.73
N ILE D 46 -16.72 -11.61 -34.06
CA ILE D 46 -16.63 -12.63 -33.03
C ILE D 46 -15.20 -13.14 -32.92
N GLY D 47 -14.57 -12.86 -31.79
CA GLY D 47 -13.20 -13.30 -31.58
C GLY D 47 -12.21 -12.29 -32.09
N SER D 48 -12.67 -11.38 -32.95
CA SER D 48 -11.81 -10.42 -33.60
C SER D 48 -12.65 -9.48 -34.43
N PRO D 49 -12.31 -8.18 -34.40
CA PRO D 49 -13.21 -7.21 -35.01
C PRO D 49 -12.95 -7.02 -36.49
N HIS D 50 -12.82 -8.12 -37.23
CA HIS D 50 -12.66 -8.03 -38.67
C HIS D 50 -13.91 -8.40 -39.43
N ALA D 51 -14.95 -8.77 -38.71
CA ALA D 51 -16.18 -9.26 -39.35
C ALA D 51 -16.86 -8.18 -40.17
N GLN D 52 -17.16 -7.05 -39.55
CA GLN D 52 -17.87 -5.98 -40.24
C GLN D 52 -17.45 -4.61 -39.74
N THR D 53 -17.42 -3.64 -40.64
CA THR D 53 -17.07 -2.27 -40.28
C THR D 53 -18.25 -1.34 -40.57
N ILE D 54 -18.52 -0.46 -39.63
CA ILE D 54 -19.63 0.48 -39.75
C ILE D 54 -19.16 1.90 -39.55
N LYS D 55 -19.42 2.77 -40.53
CA LYS D 55 -18.99 4.15 -40.41
C LYS D 55 -20.15 5.05 -40.02
N VAL D 56 -19.86 6.02 -39.14
CA VAL D 56 -20.81 7.03 -38.70
C VAL D 56 -20.12 8.40 -38.75
N ASP D 57 -20.89 9.46 -38.63
CA ASP D 57 -20.34 10.83 -38.73
C ASP D 57 -19.69 11.33 -37.43
N TYR D 58 -19.16 12.54 -37.48
CA TYR D 58 -18.43 13.08 -36.35
C TYR D 58 -19.32 13.47 -35.17
N LYS D 59 -20.63 13.44 -35.38
CA LYS D 59 -21.56 13.94 -34.38
C LYS D 59 -22.02 12.84 -33.42
N GLN D 60 -21.67 11.60 -33.72
CA GLN D 60 -22.18 10.48 -32.95
C GLN D 60 -21.35 10.18 -31.72
N ARG D 61 -21.98 10.12 -30.56
CA ARG D 61 -21.30 9.62 -29.37
C ARG D 61 -21.67 8.16 -29.08
N TYR D 62 -22.61 7.61 -29.85
CA TYR D 62 -22.98 6.20 -29.66
C TYR D 62 -23.63 5.57 -30.90
N TYR D 63 -23.61 4.24 -30.94
CA TYR D 63 -24.18 3.43 -32.02
C TYR D 63 -24.61 2.07 -31.45
N THR D 64 -25.66 1.47 -32.00
CA THR D 64 -26.07 0.14 -31.55
C THR D 64 -25.88 -0.91 -32.64
N ILE D 65 -24.90 -1.78 -32.43
CA ILE D 65 -24.65 -2.88 -33.33
C ILE D 65 -25.76 -3.91 -33.19
N GLU D 66 -26.39 -4.25 -34.31
CA GLU D 66 -27.55 -5.14 -34.30
C GLU D 66 -27.26 -6.48 -34.99
N ASN D 67 -28.25 -7.36 -34.98
CA ASN D 67 -28.16 -8.65 -35.66
C ASN D 67 -26.91 -9.45 -35.30
N LEU D 68 -26.61 -9.50 -34.02
CA LEU D 68 -25.45 -10.21 -33.56
C LEU D 68 -25.91 -11.53 -33.07
N ASP D 69 -25.01 -12.47 -32.90
CA ASP D 69 -25.34 -13.79 -32.42
C ASP D 69 -25.45 -13.71 -30.97
N PRO D 70 -26.07 -14.79 -30.36
CA PRO D 70 -26.67 -14.47 -29.09
C PRO D 70 -25.96 -14.81 -27.81
N SER D 71 -24.90 -15.60 -27.79
CA SER D 71 -24.19 -15.82 -26.55
C SER D 71 -22.78 -15.85 -26.96
N SER D 72 -22.32 -14.73 -27.45
CA SER D 72 -21.10 -14.72 -28.18
C SER D 72 -20.17 -13.60 -27.84
N HIS D 73 -18.91 -13.86 -28.05
CA HIS D 73 -17.90 -12.98 -27.63
C HIS D 73 -17.50 -12.10 -28.74
N TYR D 74 -17.70 -10.82 -28.54
CA TYR D 74 -17.45 -9.86 -29.58
C TYR D 74 -16.28 -8.94 -29.23
N VAL D 75 -15.36 -8.79 -30.16
CA VAL D 75 -14.30 -7.78 -30.05
C VAL D 75 -14.67 -6.60 -30.95
N ILE D 76 -14.48 -5.40 -30.41
CA ILE D 76 -14.91 -4.18 -31.05
C ILE D 76 -13.78 -3.17 -31.09
N THR D 77 -13.57 -2.59 -32.26
CA THR D 77 -12.55 -1.57 -32.41
C THR D 77 -13.15 -0.24 -32.86
N LEU D 78 -12.71 0.84 -32.23
CA LEU D 78 -13.21 2.17 -32.53
C LEU D 78 -12.13 3.13 -32.99
N LYS D 79 -12.28 3.62 -34.22
CA LYS D 79 -11.33 4.57 -34.77
C LYS D 79 -12.05 5.85 -35.17
N ALA D 80 -11.30 6.95 -35.25
CA ALA D 80 -11.81 8.20 -35.80
C ALA D 80 -11.09 8.48 -37.11
N PHE D 81 -11.75 9.13 -38.06
CA PHE D 81 -11.13 9.32 -39.37
C PHE D 81 -11.48 10.66 -40.03
N ASN D 82 -10.57 11.09 -40.89
CA ASN D 82 -10.74 12.24 -41.77
C ASN D 82 -10.21 11.86 -43.14
N ASN D 83 -10.13 12.81 -44.05
CA ASN D 83 -9.77 12.48 -45.43
C ASN D 83 -8.36 11.92 -45.59
N VAL D 84 -7.55 12.01 -44.55
CA VAL D 84 -6.23 11.39 -44.58
C VAL D 84 -6.34 9.89 -44.45
N GLY D 85 -7.15 9.45 -43.49
CA GLY D 85 -7.34 8.04 -43.23
C GLY D 85 -7.87 7.77 -41.84
N GLU D 86 -7.62 6.58 -41.34
CA GLU D 86 -8.12 6.18 -40.03
C GLU D 86 -7.02 6.29 -38.98
N GLY D 87 -7.41 6.63 -37.76
CA GLY D 87 -6.45 6.80 -36.68
C GLY D 87 -6.24 5.52 -35.89
N ILE D 88 -5.52 5.64 -34.79
CA ILE D 88 -5.23 4.51 -33.91
C ILE D 88 -6.50 4.10 -33.16
N PRO D 89 -6.82 2.79 -33.20
CA PRO D 89 -8.05 2.23 -32.63
C PRO D 89 -8.04 2.06 -31.12
N LEU D 90 -9.23 2.05 -30.53
CA LEU D 90 -9.40 1.54 -29.17
C LEU D 90 -10.06 0.20 -29.30
N TYR D 91 -9.75 -0.70 -28.40
CA TYR D 91 -10.35 -2.02 -28.40
C TYR D 91 -11.18 -2.19 -27.14
N GLU D 92 -12.30 -2.90 -27.27
CA GLU D 92 -12.99 -3.41 -26.09
C GLU D 92 -13.75 -4.67 -26.48
N SER D 93 -13.88 -5.61 -25.56
CA SER D 93 -14.58 -6.85 -25.86
C SER D 93 -15.71 -7.05 -24.87
N ALA D 94 -16.82 -7.61 -25.36
CA ALA D 94 -17.96 -7.87 -24.50
C ALA D 94 -18.66 -9.16 -24.92
N VAL D 95 -19.57 -9.66 -24.11
CA VAL D 95 -20.27 -10.88 -24.42
C VAL D 95 -21.77 -10.62 -24.39
N THR D 96 -22.48 -11.00 -25.45
CA THR D 96 -23.91 -10.83 -25.52
C THR D 96 -24.38 -11.76 -24.49
N ARG D 97 -25.43 -11.44 -23.77
CA ARG D 97 -25.94 -12.35 -22.78
C ARG D 97 -27.42 -12.30 -22.65
N PRO D 98 -28.03 -13.47 -22.18
CA PRO D 98 -29.47 -13.35 -21.99
C PRO D 98 -29.84 -12.35 -20.93
N HIS D 99 -30.91 -11.61 -21.18
CA HIS D 99 -31.41 -10.65 -20.24
C HIS D 99 -31.77 -11.33 -19.00
N THR D 100 -31.71 -10.63 -17.89
CA THR D 100 -32.19 -11.22 -16.64
C THR D 100 -33.52 -10.58 -16.26
N VAL D 101 -34.58 -11.35 -16.46
CA VAL D 101 -35.96 -10.95 -16.16
C VAL D 101 -36.37 -10.88 -14.66
N PRO D 102 -35.90 -11.82 -13.80
CA PRO D 102 -36.47 -11.93 -12.45
C PRO D 102 -36.63 -10.63 -11.64
N ASP D 103 -37.65 -10.59 -10.79
CA ASP D 103 -38.51 -11.74 -10.54
C ASP D 103 -39.95 -11.34 -10.31
N PRO D 104 -40.90 -12.13 -10.83
CA PRO D 104 -42.31 -11.81 -10.54
C PRO D 104 -42.64 -12.11 -9.09
N THR D 105 -43.56 -11.36 -8.50
CA THR D 105 -43.94 -11.59 -7.12
C THR D 105 -44.51 -13.02 -6.95
N PRO D 106 -44.07 -13.73 -5.91
CA PRO D 106 -44.43 -15.14 -5.72
C PRO D 106 -45.90 -15.37 -5.31
N MET D 107 -46.49 -16.46 -5.79
CA MET D 107 -47.84 -16.85 -5.37
C MET D 107 -47.84 -17.54 -4.01
N MET D 108 -49.03 -17.80 -3.50
CA MET D 108 -49.18 -18.52 -2.25
C MET D 108 -49.32 -20.01 -2.58
N PRO D 109 -48.52 -20.86 -1.93
CA PRO D 109 -48.55 -22.28 -2.25
C PRO D 109 -49.89 -22.93 -1.92
N PRO D 110 -50.19 -24.06 -2.56
CA PRO D 110 -51.39 -24.83 -2.27
C PRO D 110 -51.46 -25.25 -0.81
N VAL D 111 -52.67 -25.47 -0.30
CA VAL D 111 -52.85 -25.86 1.09
C VAL D 111 -53.72 -27.11 1.18
N GLY D 112 -53.69 -27.76 2.33
CA GLY D 112 -54.53 -28.92 2.57
C GLY D 112 -54.14 -30.09 1.69
N VAL D 113 -52.86 -30.21 1.40
CA VAL D 113 -52.40 -31.34 0.63
C VAL D 113 -52.48 -32.59 1.51
N GLN D 114 -53.06 -33.65 0.94
CA GLN D 114 -53.37 -34.89 1.64
C GLN D 114 -52.91 -36.08 0.81
N ALA D 115 -52.39 -37.10 1.49
CA ALA D 115 -51.92 -38.29 0.78
C ALA D 115 -52.78 -39.50 1.08
N SER D 116 -53.38 -40.07 0.04
CA SER D 116 -54.16 -41.28 0.18
C SER D 116 -53.41 -42.44 -0.46
N ILE D 117 -53.14 -43.48 0.31
CA ILE D 117 -52.34 -44.59 -0.19
C ILE D 117 -53.25 -45.68 -0.73
N LEU D 118 -53.25 -45.83 -2.05
CA LEU D 118 -54.13 -46.81 -2.70
C LEU D 118 -53.57 -48.22 -2.66
N SER D 119 -52.34 -48.38 -3.13
CA SER D 119 -51.77 -49.69 -3.31
C SER D 119 -50.32 -49.73 -2.87
N HIS D 120 -49.65 -50.85 -3.13
CA HIS D 120 -48.22 -50.94 -2.93
C HIS D 120 -47.49 -50.15 -4.01
N ASP D 121 -48.10 -50.13 -5.19
CA ASP D 121 -47.55 -49.44 -6.35
C ASP D 121 -47.78 -47.92 -6.33
N THR D 122 -49.02 -47.51 -6.09
CA THR D 122 -49.40 -46.11 -6.32
C THR D 122 -50.01 -45.39 -5.11
N ILE D 123 -49.77 -44.08 -5.03
CA ILE D 123 -50.38 -43.21 -4.02
C ILE D 123 -51.02 -41.98 -4.66
N ARG D 124 -52.27 -41.70 -4.29
CA ARG D 124 -53.00 -40.56 -4.86
C ARG D 124 -53.12 -39.42 -3.87
N ILE D 125 -52.63 -38.24 -4.27
CA ILE D 125 -52.66 -37.08 -3.37
C ILE D 125 -53.52 -35.96 -3.92
N THR D 126 -54.11 -35.20 -3.01
CA THR D 126 -55.05 -34.14 -3.35
C THR D 126 -54.69 -32.85 -2.64
N TRP D 127 -55.16 -31.72 -3.13
CA TRP D 127 -54.87 -30.45 -2.45
C TRP D 127 -55.94 -29.39 -2.71
N ALA D 128 -55.68 -28.20 -2.20
CA ALA D 128 -56.60 -27.07 -2.33
C ALA D 128 -55.85 -25.79 -2.70
N ASP D 129 -56.57 -24.83 -3.26
CA ASP D 129 -55.98 -23.55 -3.63
C ASP D 129 -56.82 -22.39 -3.10
N ASN D 130 -56.25 -21.56 -2.24
CA ASN D 130 -57.01 -20.44 -1.67
C ASN D 130 -57.07 -19.24 -2.60
N SER D 131 -56.42 -19.34 -3.74
CA SER D 131 -56.50 -18.31 -4.77
C SER D 131 -57.66 -18.60 -5.71
N LEU D 132 -58.42 -19.65 -5.38
CA LEU D 132 -59.59 -20.06 -6.16
C LEU D 132 -60.88 -19.91 -5.38
N PRO D 133 -61.98 -19.63 -6.09
CA PRO D 133 -63.32 -19.64 -5.51
C PRO D 133 -63.65 -20.99 -4.87
N LYS D 134 -64.56 -20.99 -3.90
CA LYS D 134 -64.75 -22.14 -3.02
C LYS D 134 -65.15 -23.43 -3.73
N HIS D 135 -65.59 -23.32 -4.98
CA HIS D 135 -65.99 -24.48 -5.74
C HIS D 135 -64.79 -25.25 -6.28
N GLN D 136 -63.64 -24.59 -6.30
CA GLN D 136 -62.35 -25.18 -6.67
C GLN D 136 -62.31 -25.78 -8.08
N LYS D 137 -62.76 -25.00 -9.06
CA LYS D 137 -62.67 -25.38 -10.47
C LYS D 137 -61.79 -24.36 -11.23
N ILE D 138 -61.09 -24.82 -12.27
CA ILE D 138 -60.10 -23.98 -12.95
C ILE D 138 -60.69 -23.22 -14.15
N THR D 139 -60.26 -21.97 -14.32
CA THR D 139 -60.68 -21.13 -15.44
C THR D 139 -59.43 -20.67 -16.18
N ASP D 140 -58.68 -19.77 -15.53
CA ASP D 140 -57.38 -19.34 -16.04
C ASP D 140 -56.46 -20.53 -16.11
N SER D 141 -55.42 -20.47 -16.92
CA SER D 141 -54.65 -21.68 -17.11
C SER D 141 -53.58 -21.74 -16.02
N ARG D 142 -53.77 -22.71 -15.14
CA ARG D 142 -52.89 -22.91 -14.00
C ARG D 142 -52.36 -24.28 -14.17
N TYR D 143 -51.24 -24.57 -13.53
CA TYR D 143 -50.92 -25.96 -13.37
C TYR D 143 -50.14 -26.14 -12.08
N TYR D 144 -50.40 -27.28 -11.45
CA TYR D 144 -49.76 -27.59 -10.19
C TYR D 144 -48.68 -28.62 -10.45
N THR D 145 -47.49 -28.38 -9.91
CA THR D 145 -46.42 -29.35 -10.00
C THR D 145 -46.30 -30.12 -8.69
N VAL D 146 -46.26 -31.44 -8.80
CA VAL D 146 -46.20 -32.29 -7.64
C VAL D 146 -44.87 -33.04 -7.57
N ARG D 147 -44.19 -32.93 -6.43
CA ARG D 147 -42.92 -33.62 -6.22
C ARG D 147 -43.00 -34.68 -5.12
N TRP D 148 -42.26 -35.77 -5.32
CA TRP D 148 -42.14 -36.79 -4.30
C TRP D 148 -40.71 -37.31 -4.18
N LYS D 149 -40.35 -37.72 -2.97
CA LYS D 149 -39.05 -38.36 -2.73
C LYS D 149 -39.15 -39.36 -1.58
N THR D 150 -38.16 -40.24 -1.49
CA THR D 150 -38.08 -41.17 -0.37
C THR D 150 -37.51 -40.48 0.86
N ASN D 151 -38.20 -40.66 1.99
CA ASN D 151 -37.82 -39.99 3.24
C ASN D 151 -36.56 -40.60 3.86
N ILE D 152 -36.31 -41.88 3.56
CA ILE D 152 -35.10 -42.59 3.97
C ILE D 152 -34.26 -43.00 2.76
N PRO D 153 -33.02 -42.47 2.65
CA PRO D 153 -32.32 -41.62 3.62
C PRO D 153 -32.72 -40.15 3.53
N ALA D 154 -32.00 -39.29 4.25
CA ALA D 154 -32.37 -37.87 4.37
C ALA D 154 -32.54 -37.15 3.03
N ASN D 155 -31.85 -37.63 2.00
CA ASN D 155 -32.06 -37.08 0.66
C ASN D 155 -32.27 -38.17 -0.39
N THR D 156 -33.10 -37.85 -1.35
CA THR D 156 -33.18 -38.57 -2.61
C THR D 156 -33.64 -37.51 -3.61
N LYS D 157 -33.12 -37.56 -4.83
CA LYS D 157 -33.52 -36.57 -5.83
C LYS D 157 -34.97 -36.81 -6.24
N TYR D 158 -35.71 -35.72 -6.27
CA TYR D 158 -37.16 -35.74 -6.43
C TYR D 158 -37.63 -36.20 -7.80
N LYS D 159 -38.79 -36.84 -7.83
CA LYS D 159 -39.49 -37.07 -9.07
C LYS D 159 -40.73 -36.19 -9.09
N ASN D 160 -40.99 -35.50 -10.20
CA ASN D 160 -42.14 -34.61 -10.24
C ASN D 160 -42.99 -34.74 -11.51
N ALA D 161 -44.27 -34.40 -11.38
CA ALA D 161 -45.17 -34.43 -12.52
C ALA D 161 -46.10 -33.21 -12.48
N GLN D 162 -46.76 -32.89 -13.59
CA GLN D 162 -47.59 -31.70 -13.62
C GLN D 162 -49.06 -32.09 -13.70
N ALA D 163 -49.96 -31.20 -13.29
CA ALA D 163 -51.38 -31.52 -13.30
C ALA D 163 -52.24 -30.27 -13.50
N THR D 164 -53.31 -30.44 -14.29
CA THR D 164 -54.28 -29.37 -14.55
C THR D 164 -55.49 -29.47 -13.63
N THR D 165 -55.43 -30.42 -12.71
CA THR D 165 -56.51 -30.64 -11.76
C THR D 165 -55.93 -30.70 -10.35
N LEU D 166 -56.79 -30.71 -9.33
CA LEU D 166 -56.35 -30.63 -7.93
C LEU D 166 -56.05 -31.98 -7.28
N SER D 167 -56.05 -33.05 -8.07
CA SER D 167 -55.63 -34.37 -7.60
C SER D 167 -54.60 -34.98 -8.56
N TYR D 168 -53.73 -35.85 -8.06
CA TYR D 168 -52.79 -36.58 -8.92
C TYR D 168 -52.43 -37.95 -8.40
N LEU D 169 -52.21 -38.88 -9.33
CA LEU D 169 -51.89 -40.27 -9.01
C LEU D 169 -50.41 -40.54 -9.25
N VAL D 170 -49.66 -40.74 -8.17
CA VAL D 170 -48.25 -41.09 -8.29
C VAL D 170 -48.08 -42.60 -8.42
N THR D 171 -47.52 -43.03 -9.56
CA THR D 171 -47.38 -44.45 -9.86
C THR D 171 -45.90 -44.80 -9.86
N GLY D 172 -45.58 -46.07 -10.09
CA GLY D 172 -44.18 -46.47 -10.18
C GLY D 172 -43.39 -46.26 -8.90
N LEU D 173 -43.80 -46.92 -7.82
CA LEU D 173 -43.18 -46.69 -6.53
C LEU D 173 -42.78 -47.99 -5.84
N LYS D 174 -41.91 -47.86 -4.84
CA LYS D 174 -41.45 -49.00 -4.08
C LYS D 174 -42.42 -49.29 -2.96
N PRO D 175 -42.87 -50.56 -2.87
CA PRO D 175 -43.77 -51.02 -1.81
C PRO D 175 -43.15 -50.82 -0.44
N ASN D 176 -43.97 -50.49 0.55
CA ASN D 176 -43.53 -50.33 1.93
C ASN D 176 -42.35 -49.36 2.05
N THR D 177 -42.50 -48.17 1.47
CA THR D 177 -41.51 -47.12 1.56
C THR D 177 -42.18 -45.79 1.87
N LEU D 178 -41.67 -45.07 2.87
CA LEU D 178 -42.23 -43.78 3.25
C LEU D 178 -41.87 -42.73 2.22
N TYR D 179 -42.88 -41.98 1.81
CA TYR D 179 -42.69 -40.99 0.77
C TYR D 179 -43.12 -39.60 1.24
N GLU D 180 -42.37 -38.61 0.79
CA GLU D 180 -42.64 -37.22 1.08
C GLU D 180 -43.15 -36.55 -0.18
N PHE D 181 -44.34 -35.96 -0.08
CA PHE D 181 -45.00 -35.30 -1.21
C PHE D 181 -45.17 -33.80 -0.95
N SER D 182 -45.20 -33.01 -2.01
CA SER D 182 -45.53 -31.60 -1.89
C SER D 182 -45.94 -31.04 -3.25
N VAL D 183 -46.62 -29.90 -3.24
CA VAL D 183 -47.21 -29.36 -4.47
C VAL D 183 -47.03 -27.85 -4.54
N MET D 184 -46.78 -27.37 -5.76
CA MET D 184 -46.65 -25.94 -6.01
C MET D 184 -47.59 -25.50 -7.12
N VAL D 185 -48.00 -24.24 -7.10
CA VAL D 185 -48.84 -23.73 -8.16
C VAL D 185 -48.03 -22.81 -9.05
N THR D 186 -48.28 -22.90 -10.35
CA THR D 186 -47.71 -21.94 -11.28
C THR D 186 -48.83 -21.44 -12.21
N LYS D 187 -48.91 -20.12 -12.33
CA LYS D 187 -49.90 -19.46 -13.16
C LYS D 187 -49.23 -18.42 -14.05
N GLY D 188 -49.21 -18.65 -15.35
CA GLY D 188 -48.52 -17.74 -16.26
C GLY D 188 -47.03 -17.70 -15.96
N ARG D 189 -46.51 -16.50 -15.73
CA ARG D 189 -45.10 -16.33 -15.39
C ARG D 189 -44.85 -16.31 -13.89
N ARG D 190 -45.93 -16.34 -13.11
CA ARG D 190 -45.82 -16.34 -11.66
C ARG D 190 -45.83 -17.75 -11.11
N SER D 191 -45.06 -17.96 -10.05
CA SER D 191 -44.97 -19.27 -9.45
C SER D 191 -45.05 -19.17 -7.93
N SER D 192 -45.20 -20.31 -7.28
CA SER D 192 -45.23 -20.35 -5.83
C SER D 192 -44.17 -21.29 -5.29
N THR D 193 -43.84 -21.14 -4.00
CA THR D 193 -42.93 -22.07 -3.37
C THR D 193 -43.66 -23.41 -3.16
N TRP D 194 -42.97 -24.40 -2.64
CA TRP D 194 -43.58 -25.71 -2.42
C TRP D 194 -44.41 -25.69 -1.15
N SER D 195 -45.51 -26.42 -1.17
CA SER D 195 -46.45 -26.42 -0.05
C SER D 195 -45.86 -27.14 1.14
N MET D 196 -46.61 -27.19 2.23
CA MET D 196 -46.17 -27.99 3.35
C MET D 196 -46.14 -29.45 2.90
N THR D 197 -45.19 -30.22 3.40
CA THR D 197 -45.01 -31.59 2.93
C THR D 197 -46.02 -32.53 3.58
N ALA D 198 -46.56 -33.42 2.77
CA ALA D 198 -47.43 -34.48 3.27
C ALA D 198 -46.75 -35.82 3.06
N HIS D 199 -46.83 -36.70 4.05
CA HIS D 199 -46.15 -37.99 3.96
C HIS D 199 -47.13 -39.14 3.81
N GLY D 200 -46.67 -40.20 3.16
CA GLY D 200 -47.42 -41.45 3.15
C GLY D 200 -46.59 -42.62 2.66
N ALA D 201 -46.92 -43.82 3.13
CA ALA D 201 -46.09 -44.99 2.82
C ALA D 201 -46.90 -46.04 2.08
N THR D 202 -46.26 -46.66 1.09
CA THR D 202 -46.96 -47.57 0.21
C THR D 202 -47.32 -48.88 0.90
N ALA D 203 -48.25 -49.61 0.29
CA ALA D 203 -48.86 -50.79 0.87
C ALA D 203 -47.93 -51.99 0.79
N SER D 204 -48.24 -53.02 1.57
CA SER D 204 -47.51 -54.28 1.54
C SER D 204 -47.50 -54.92 0.15
#